data_4UBY
# 
_entry.id   4UBY 
# 
_audit_conform.dict_name       mmcif_pdbx.dic 
_audit_conform.dict_version    5.383 
_audit_conform.dict_location   http://mmcif.pdb.org/dictionaries/ascii/mmcif_pdbx.dic 
# 
loop_
_database_2.database_id 
_database_2.database_code 
_database_2.pdbx_database_accession 
_database_2.pdbx_DOI 
PDB   4UBY         pdb_00004uby 10.2210/pdb4uby/pdb 
WWPDB D_1000203139 ?            ?                   
# 
loop_
_pdbx_audit_revision_history.ordinal 
_pdbx_audit_revision_history.data_content_type 
_pdbx_audit_revision_history.major_revision 
_pdbx_audit_revision_history.minor_revision 
_pdbx_audit_revision_history.revision_date 
1 'Structure model' 1 0 2015-05-27 
2 'Structure model' 1 1 2015-06-03 
3 'Structure model' 1 2 2015-07-01 
4 'Structure model' 1 3 2017-11-22 
5 'Structure model' 1 4 2023-12-27 
# 
_pdbx_audit_revision_details.ordinal             1 
_pdbx_audit_revision_details.revision_ordinal    1 
_pdbx_audit_revision_details.data_content_type   'Structure model' 
_pdbx_audit_revision_details.provider            repository 
_pdbx_audit_revision_details.type                'Initial release' 
_pdbx_audit_revision_details.description         ? 
_pdbx_audit_revision_details.details             ? 
# 
loop_
_pdbx_audit_revision_group.ordinal 
_pdbx_audit_revision_group.revision_ordinal 
_pdbx_audit_revision_group.data_content_type 
_pdbx_audit_revision_group.group 
1 2 'Structure model' 'Derived calculations'   
2 3 'Structure model' 'Database references'    
3 4 'Structure model' 'Database references'    
4 4 'Structure model' 'Derived calculations'   
5 4 'Structure model' 'Refinement description' 
6 4 'Structure model' 'Source and taxonomy'    
7 5 'Structure model' 'Data collection'        
8 5 'Structure model' 'Database references'    
# 
loop_
_pdbx_audit_revision_category.ordinal 
_pdbx_audit_revision_category.revision_ordinal 
_pdbx_audit_revision_category.data_content_type 
_pdbx_audit_revision_category.category 
1 4 'Structure model' citation                 
2 4 'Structure model' pdbx_entity_src_syn      
3 4 'Structure model' pdbx_struct_assembly     
4 4 'Structure model' pdbx_struct_assembly_gen 
5 4 'Structure model' pdbx_struct_oper_list    
6 4 'Structure model' software                 
7 5 'Structure model' chem_comp_atom           
8 5 'Structure model' chem_comp_bond           
9 5 'Structure model' database_2               
# 
loop_
_pdbx_audit_revision_item.ordinal 
_pdbx_audit_revision_item.revision_ordinal 
_pdbx_audit_revision_item.data_content_type 
_pdbx_audit_revision_item.item 
1 4 'Structure model' '_citation.journal_id_CSD'                  
2 4 'Structure model' '_pdbx_entity_src_syn.pdbx_alt_source_flag' 
3 4 'Structure model' '_pdbx_struct_assembly.oligomeric_details'  
4 4 'Structure model' '_pdbx_struct_assembly_gen.asym_id_list'    
5 4 'Structure model' '_pdbx_struct_oper_list.symmetry_operation' 
6 5 'Structure model' '_database_2.pdbx_DOI'                      
7 5 'Structure model' '_database_2.pdbx_database_accession'       
# 
_pdbx_database_status.status_code                     REL 
_pdbx_database_status.status_code_sf                  REL 
_pdbx_database_status.status_code_mr                  ? 
_pdbx_database_status.entry_id                        4UBY 
_pdbx_database_status.recvd_initial_deposition_date   2014-08-13 
_pdbx_database_status.SG_entry                        N 
_pdbx_database_status.deposit_site                    RCSB 
_pdbx_database_status.process_site                    RCSB 
_pdbx_database_status.status_code_cs                  ? 
_pdbx_database_status.methods_development_category    ? 
_pdbx_database_status.pdb_format_compatible           Y 
_pdbx_database_status.status_code_nmr_data            ? 
# 
loop_
_pdbx_database_related.content_type 
_pdbx_database_related.db_id 
_pdbx_database_related.db_name 
_pdbx_database_related.details 
unspecified 4UBZ PDB . 
unspecified 4W5L PDB . 
unspecified 4W5M PDB . 
unspecified 4W5P PDB . 
unspecified 4W5Y PDB . 
unspecified 4W67 PDB . 
unspecified 4W71 PDB . 
unspecified 4WBU PDB . 
unspecified 4WBV PDB . 
unspecified 4TUT PDB . 
# 
loop_
_audit_author.name 
_audit_author.pdbx_ordinal 
'Yu, L.'     1 
'Lee, S.-J.' 2 
'Yee, V.'    3 
# 
_citation.abstract                  ? 
_citation.abstract_id_CAS           ? 
_citation.book_id_ISBN              ? 
_citation.book_publisher            ? 
_citation.book_publisher_city       ? 
_citation.book_title                ? 
_citation.coordinate_linkage        ? 
_citation.country                   US 
_citation.database_id_Medline       ? 
_citation.details                   ? 
_citation.id                        primary 
_citation.journal_abbrev            Biochemistry 
_citation.journal_id_ASTM           BICHAW 
_citation.journal_id_CSD            0033 
_citation.journal_id_ISSN           0006-2960 
_citation.journal_full              ? 
_citation.journal_issue             ? 
_citation.journal_volume            54 
_citation.language                  ? 
_citation.page_first                3640 
_citation.page_last                 3648 
_citation.title                     
'Crystal Structures of Polymorphic Prion Protein beta 1 Peptides Reveal Variable Steric Zipper Conformations.' 
_citation.year                      2015 
_citation.database_id_CSD           ? 
_citation.pdbx_database_id_DOI      10.1021/acs.biochem.5b00425 
_citation.pdbx_database_id_PubMed   25978088 
_citation.unpublished_flag          ? 
# 
loop_
_citation_author.citation_id 
_citation_author.name 
_citation_author.ordinal 
_citation_author.identifier_ORCID 
primary 'Yu, L.'    1 ? 
primary 'Lee, S.J.' 2 ? 
primary 'Yee, V.C.' 3 ? 
# 
loop_
_entity.id 
_entity.type 
_entity.src_method 
_entity.pdbx_description 
_entity.formula_weight 
_entity.pdbx_number_of_molecules 
_entity.pdbx_ec 
_entity.pdbx_mutation 
_entity.pdbx_fragment 
_entity.details 
1 polymer syn 'prion peptide' 564.633 4  ? ? ? ? 
2 water   nat water           18.015  22 ? ? ? ? 
# 
_entity_poly.entity_id                      1 
_entity_poly.type                           'polypeptide(L)' 
_entity_poly.nstd_linkage                   no 
_entity_poly.nstd_monomer                   no 
_entity_poly.pdbx_seq_one_letter_code       GGYVLG 
_entity_poly.pdbx_seq_one_letter_code_can   GGYVLG 
_entity_poly.pdbx_strand_id                 A,B,C,D 
_entity_poly.pdbx_target_identifier         ? 
# 
_pdbx_entity_nonpoly.entity_id   2 
_pdbx_entity_nonpoly.name        water 
_pdbx_entity_nonpoly.comp_id     HOH 
# 
loop_
_entity_poly_seq.entity_id 
_entity_poly_seq.num 
_entity_poly_seq.mon_id 
_entity_poly_seq.hetero 
1 1 GLY n 
1 2 GLY n 
1 3 TYR n 
1 4 VAL n 
1 5 LEU n 
1 6 GLY n 
# 
_pdbx_entity_src_syn.entity_id              1 
_pdbx_entity_src_syn.pdbx_src_id            1 
_pdbx_entity_src_syn.pdbx_alt_source_flag   sample 
_pdbx_entity_src_syn.pdbx_beg_seq_num       1 
_pdbx_entity_src_syn.pdbx_end_seq_num       6 
_pdbx_entity_src_syn.organism_scientific    'synthetic construct' 
_pdbx_entity_src_syn.organism_common_name   ? 
_pdbx_entity_src_syn.ncbi_taxonomy_id       32630 
_pdbx_entity_src_syn.details                ? 
# 
loop_
_chem_comp.id 
_chem_comp.type 
_chem_comp.mon_nstd_flag 
_chem_comp.name 
_chem_comp.pdbx_synonyms 
_chem_comp.formula 
_chem_comp.formula_weight 
GLY 'peptide linking'   y GLYCINE  ? 'C2 H5 N O2'  75.067  
HOH non-polymer         . WATER    ? 'H2 O'        18.015  
LEU 'L-peptide linking' y LEUCINE  ? 'C6 H13 N O2' 131.173 
TYR 'L-peptide linking' y TYROSINE ? 'C9 H11 N O3' 181.189 
VAL 'L-peptide linking' y VALINE   ? 'C5 H11 N O2' 117.146 
# 
loop_
_pdbx_poly_seq_scheme.asym_id 
_pdbx_poly_seq_scheme.entity_id 
_pdbx_poly_seq_scheme.seq_id 
_pdbx_poly_seq_scheme.mon_id 
_pdbx_poly_seq_scheme.ndb_seq_num 
_pdbx_poly_seq_scheme.pdb_seq_num 
_pdbx_poly_seq_scheme.auth_seq_num 
_pdbx_poly_seq_scheme.pdb_mon_id 
_pdbx_poly_seq_scheme.auth_mon_id 
_pdbx_poly_seq_scheme.pdb_strand_id 
_pdbx_poly_seq_scheme.pdb_ins_code 
_pdbx_poly_seq_scheme.hetero 
A 1 1 GLY 1 126 126 GLY GLY A . n 
A 1 2 GLY 2 127 127 GLY GLY A . n 
A 1 3 TYR 3 128 128 TYR TYR A . n 
A 1 4 VAL 4 129 129 VAL VAL A . n 
A 1 5 LEU 5 130 130 LEU LEU A . n 
A 1 6 GLY 6 131 131 GLY GLY A . n 
B 1 1 GLY 1 126 126 GLY GLY B . n 
B 1 2 GLY 2 127 127 GLY GLY B . n 
B 1 3 TYR 3 128 128 TYR TYR B . n 
B 1 4 VAL 4 129 129 VAL VAL B . n 
B 1 5 LEU 5 130 130 LEU LEU B . n 
B 1 6 GLY 6 131 131 GLY GLY B . n 
C 1 1 GLY 1 126 126 GLY GLY C . n 
C 1 2 GLY 2 127 127 GLY GLY C . n 
C 1 3 TYR 3 128 128 TYR TYR C . n 
C 1 4 VAL 4 129 129 VAL VAL C . n 
C 1 5 LEU 5 130 130 LEU LEU C . n 
C 1 6 GLY 6 131 131 GLY GLY C . n 
D 1 1 GLY 1 126 126 GLY GLY D . n 
D 1 2 GLY 2 127 127 GLY GLY D . n 
D 1 3 TYR 3 128 128 TYR TYR D . n 
D 1 4 VAL 4 129 129 VAL VAL D . n 
D 1 5 LEU 5 130 130 LEU LEU D . n 
D 1 6 GLY 6 131 131 GLY GLY D . n 
# 
loop_
_pdbx_nonpoly_scheme.asym_id 
_pdbx_nonpoly_scheme.entity_id 
_pdbx_nonpoly_scheme.mon_id 
_pdbx_nonpoly_scheme.ndb_seq_num 
_pdbx_nonpoly_scheme.pdb_seq_num 
_pdbx_nonpoly_scheme.auth_seq_num 
_pdbx_nonpoly_scheme.pdb_mon_id 
_pdbx_nonpoly_scheme.auth_mon_id 
_pdbx_nonpoly_scheme.pdb_strand_id 
_pdbx_nonpoly_scheme.pdb_ins_code 
E 2 HOH 1  201 19 HOH HOH A . 
E 2 HOH 2  202 3  HOH HOH A . 
F 2 HOH 1  201 22 HOH HOH B . 
F 2 HOH 2  202 14 HOH HOH B . 
F 2 HOH 3  203 17 HOH HOH B . 
F 2 HOH 4  204 9  HOH HOH B . 
F 2 HOH 5  205 8  HOH HOH B . 
F 2 HOH 6  206 1  HOH HOH B . 
F 2 HOH 7  207 5  HOH HOH B . 
F 2 HOH 8  208 10 HOH HOH B . 
F 2 HOH 9  209 20 HOH HOH B . 
F 2 HOH 10 210 18 HOH HOH B . 
G 2 HOH 1  201 7  HOH HOH C . 
G 2 HOH 2  202 21 HOH HOH C . 
G 2 HOH 3  203 6  HOH HOH C . 
G 2 HOH 4  204 13 HOH HOH C . 
G 2 HOH 5  205 4  HOH HOH C . 
G 2 HOH 6  206 2  HOH HOH C . 
H 2 HOH 1  201 15 HOH HOH D . 
H 2 HOH 2  202 11 HOH HOH D . 
H 2 HOH 3  203 16 HOH HOH D . 
H 2 HOH 4  204 12 HOH HOH D . 
# 
loop_
_software.citation_id 
_software.classification 
_software.compiler_name 
_software.compiler_version 
_software.contact_author 
_software.contact_author_email 
_software.date 
_software.description 
_software.dependencies 
_software.hardware 
_software.language 
_software.location 
_software.mods 
_software.name 
_software.os 
_software.os_version 
_software.type 
_software.version 
_software.pdbx_ordinal 
? 'data reduction'  ? ? ? ? ? ? ? ? ? ? ? HKL-2000    ? ? ? .                           1 
? 'data extraction' ? ? ? ? ? ? ? ? ? ? ? PDB_EXTRACT ? ? ? 3.14                        2 
? 'data scaling'    ? ? ? ? ? ? ? ? ? ? ? HKL-2000    ? ? ? .                           3 
? refinement        ? ? ? ? ? ? ? ? ? ? ? PHENIX      ? ? ? '(phenix.refine: 1.9_1692)' 4 
? phasing           ? ? ? ? ? ? ? ? ? ? ? SHELX       ? ? ? .                           5 
? 'data reduction'  ? ? ? ? ? ? ? ? ? ? ? DENZO       ? ? ? .                           6 
? 'data scaling'    ? ? ? ? ? ? ? ? ? ? ? SCALEPACK   ? ? ? .                           7 
# 
_cell.length_a           11.666 
_cell.length_b           17.145 
_cell.length_c           19.073 
_cell.angle_alpha        79.760 
_cell.angle_beta         86.510 
_cell.angle_gamma        90.200 
_cell.entry_id           4UBY 
_cell.Z_PDB              4 
_cell.pdbx_unique_axis   ? 
# 
_symmetry.entry_id                         4UBY 
_symmetry.cell_setting                     ? 
_symmetry.Int_Tables_number                1 
_symmetry.space_group_name_Hall            ? 
_symmetry.space_group_name_H-M             'P 1' 
_symmetry.pdbx_full_space_group_name_H-M   ? 
# 
_exptl.absorpt_coefficient_mu     ? 
_exptl.absorpt_correction_T_max   ? 
_exptl.absorpt_correction_T_min   ? 
_exptl.absorpt_correction_type    ? 
_exptl.absorpt_process_details    ? 
_exptl.entry_id                   4UBY 
_exptl.crystals_number            1 
_exptl.details                    ? 
_exptl.method                     'X-RAY DIFFRACTION' 
_exptl.method_details             ? 
# 
_exptl_crystal.colour                      ? 
_exptl_crystal.density_diffrn              ? 
_exptl_crystal.density_Matthews            1.66 
_exptl_crystal.density_method              ? 
_exptl_crystal.density_percent_sol         25.86 
_exptl_crystal.description                 ? 
_exptl_crystal.F_000                       ? 
_exptl_crystal.id                          1 
_exptl_crystal.preparation                 ? 
_exptl_crystal.size_max                    ? 
_exptl_crystal.size_mid                    ? 
_exptl_crystal.size_min                    ? 
_exptl_crystal.size_rad                    ? 
_exptl_crystal.colour_lustre               ? 
_exptl_crystal.colour_modifier             ? 
_exptl_crystal.colour_primary              ? 
_exptl_crystal.density_meas                ? 
_exptl_crystal.density_meas_esd            ? 
_exptl_crystal.density_meas_gt             ? 
_exptl_crystal.density_meas_lt             ? 
_exptl_crystal.density_meas_temp           ? 
_exptl_crystal.density_meas_temp_esd       ? 
_exptl_crystal.density_meas_temp_gt        ? 
_exptl_crystal.density_meas_temp_lt        ? 
_exptl_crystal.pdbx_crystal_image_url      ? 
_exptl_crystal.pdbx_crystal_image_format   ? 
_exptl_crystal.pdbx_mosaicity              ? 
_exptl_crystal.pdbx_mosaicity_esd          ? 
# 
_exptl_crystal_grow.apparatus       ? 
_exptl_crystal_grow.atmosphere      ? 
_exptl_crystal_grow.crystal_id      1 
_exptl_crystal_grow.details         ? 
_exptl_crystal_grow.method          'VAPOR DIFFUSION, SITTING DROP' 
_exptl_crystal_grow.method_ref      ? 
_exptl_crystal_grow.pH              4.6 
_exptl_crystal_grow.pressure        ? 
_exptl_crystal_grow.pressure_esd    ? 
_exptl_crystal_grow.seeding         ? 
_exptl_crystal_grow.seeding_ref     ? 
_exptl_crystal_grow.temp            293 
_exptl_crystal_grow.temp_details    ? 
_exptl_crystal_grow.temp_esd        ? 
_exptl_crystal_grow.time            ? 
_exptl_crystal_grow.pdbx_details    '0.1 M sodium acetate, and 2 M ammonium sulfate' 
_exptl_crystal_grow.pdbx_pH_range   ? 
# 
_diffrn.ambient_environment    ? 
_diffrn.ambient_temp           100 
_diffrn.ambient_temp_details   ? 
_diffrn.ambient_temp_esd       ? 
_diffrn.crystal_id             1 
_diffrn.crystal_support        ? 
_diffrn.crystal_treatment      ? 
_diffrn.details                ? 
_diffrn.id                     1 
_diffrn.ambient_pressure       ? 
_diffrn.ambient_pressure_esd   ? 
_diffrn.ambient_pressure_gt    ? 
_diffrn.ambient_pressure_lt    ? 
_diffrn.ambient_temp_gt        ? 
_diffrn.ambient_temp_lt        ? 
# 
_diffrn_detector.details                      ? 
_diffrn_detector.detector                     CCD 
_diffrn_detector.diffrn_id                    1 
_diffrn_detector.type                         'MARMOSAIC 300 mm CCD' 
_diffrn_detector.area_resol_mean              ? 
_diffrn_detector.dtime                        ? 
_diffrn_detector.pdbx_frames_total            ? 
_diffrn_detector.pdbx_collection_time_total   ? 
_diffrn_detector.pdbx_collection_date         2011-10-20 
# 
_diffrn_radiation.collimation                      ? 
_diffrn_radiation.diffrn_id                        1 
_diffrn_radiation.filter_edge                      ? 
_diffrn_radiation.inhomogeneity                    ? 
_diffrn_radiation.monochromator                    ? 
_diffrn_radiation.polarisn_norm                    ? 
_diffrn_radiation.polarisn_ratio                   ? 
_diffrn_radiation.probe                            ? 
_diffrn_radiation.type                             ? 
_diffrn_radiation.xray_symbol                      ? 
_diffrn_radiation.wavelength_id                    1 
_diffrn_radiation.pdbx_monochromatic_or_laue_m_l   M 
_diffrn_radiation.pdbx_wavelength_list             ? 
_diffrn_radiation.pdbx_wavelength                  ? 
_diffrn_radiation.pdbx_diffrn_protocol             'SINGLE WAVELENGTH' 
_diffrn_radiation.pdbx_analyzer                    ? 
_diffrn_radiation.pdbx_scattering_type             x-ray 
# 
_diffrn_radiation_wavelength.id           1 
_diffrn_radiation_wavelength.wavelength   0.7749 
_diffrn_radiation_wavelength.wt           1.0 
# 
_diffrn_source.current                     ? 
_diffrn_source.details                     ? 
_diffrn_source.diffrn_id                   1 
_diffrn_source.power                       ? 
_diffrn_source.size                        ? 
_diffrn_source.source                      SYNCHROTRON 
_diffrn_source.target                      ? 
_diffrn_source.type                        'APS BEAMLINE 23-ID-B' 
_diffrn_source.voltage                     ? 
_diffrn_source.take-off_angle              ? 
_diffrn_source.pdbx_wavelength_list        0.7749 
_diffrn_source.pdbx_wavelength             ? 
_diffrn_source.pdbx_synchrotron_beamline   23-ID-B 
_diffrn_source.pdbx_synchrotron_site       APS 
# 
_reflns.B_iso_Wilson_estimate            2.670 
_reflns.entry_id                         4UBY 
_reflns.data_reduction_details           ? 
_reflns.data_reduction_method            ? 
_reflns.d_resolution_high                1.000 
_reflns.d_resolution_low                 50.000 
_reflns.details                          ? 
_reflns.limit_h_max                      ? 
_reflns.limit_h_min                      ? 
_reflns.limit_k_max                      ? 
_reflns.limit_k_min                      ? 
_reflns.limit_l_max                      ? 
_reflns.limit_l_min                      ? 
_reflns.number_all                       ? 
_reflns.number_obs                       6346 
_reflns.observed_criterion               ? 
_reflns.observed_criterion_F_max         ? 
_reflns.observed_criterion_F_min         ? 
_reflns.observed_criterion_I_max         ? 
_reflns.observed_criterion_I_min         ? 
_reflns.observed_criterion_sigma_F       ? 
_reflns.observed_criterion_sigma_I       ? 
_reflns.percent_possible_obs             80.900 
_reflns.R_free_details                   ? 
_reflns.Rmerge_F_all                     ? 
_reflns.Rmerge_F_obs                     ? 
_reflns.Friedel_coverage                 ? 
_reflns.number_gt                        ? 
_reflns.threshold_expression             ? 
_reflns.pdbx_redundancy                  2.800 
_reflns.pdbx_Rmerge_I_obs                0.062 
_reflns.pdbx_Rmerge_I_all                ? 
_reflns.pdbx_Rsym_value                  ? 
_reflns.pdbx_netI_over_av_sigmaI         16.260 
_reflns.pdbx_netI_over_sigmaI            24.600 
_reflns.pdbx_res_netI_over_av_sigmaI_2   ? 
_reflns.pdbx_res_netI_over_sigmaI_2      ? 
_reflns.pdbx_chi_squared                 1.016 
_reflns.pdbx_scaling_rejects             ? 
_reflns.pdbx_d_res_high_opt              ? 
_reflns.pdbx_d_res_low_opt               ? 
_reflns.pdbx_d_res_opt_method            ? 
_reflns.phase_calculation_details        ? 
_reflns.pdbx_Rrim_I_all                  ? 
_reflns.pdbx_Rpim_I_all                  ? 
_reflns.pdbx_d_opt                       ? 
_reflns.pdbx_number_measured_all         18020 
_reflns.pdbx_diffrn_id                   1 
_reflns.pdbx_ordinal                     1 
_reflns.pdbx_CC_half                     ? 
_reflns.pdbx_R_split                     ? 
# 
loop_
_reflns_shell.d_res_high 
_reflns_shell.d_res_low 
_reflns_shell.meanI_over_sigI_all 
_reflns_shell.meanI_over_sigI_obs 
_reflns_shell.number_measured_all 
_reflns_shell.number_measured_obs 
_reflns_shell.number_possible 
_reflns_shell.number_unique_all 
_reflns_shell.number_unique_obs 
_reflns_shell.percent_possible_all 
_reflns_shell.percent_possible_obs 
_reflns_shell.Rmerge_F_all 
_reflns_shell.Rmerge_F_obs 
_reflns_shell.Rmerge_I_all 
_reflns_shell.Rmerge_I_obs 
_reflns_shell.meanI_over_sigI_gt 
_reflns_shell.meanI_over_uI_all 
_reflns_shell.meanI_over_uI_gt 
_reflns_shell.number_measured_gt 
_reflns_shell.number_unique_gt 
_reflns_shell.percent_possible_gt 
_reflns_shell.Rmerge_F_gt 
_reflns_shell.Rmerge_I_gt 
_reflns_shell.pdbx_redundancy 
_reflns_shell.pdbx_Rsym_value 
_reflns_shell.pdbx_chi_squared 
_reflns_shell.pdbx_netI_over_sigmaI_all 
_reflns_shell.pdbx_netI_over_sigmaI_obs 
_reflns_shell.pdbx_Rrim_I_all 
_reflns_shell.pdbx_Rpim_I_all 
_reflns_shell.pdbx_rejects 
_reflns_shell.pdbx_ordinal 
_reflns_shell.pdbx_diffrn_id 
_reflns_shell.pdbx_CC_half 
_reflns_shell.pdbx_R_split 
1.000 1.040  ? ? ? ? ? 455 ? 57.600 ? ? ? ? 0.101 ? ? ? ? ? ? ? ? 1.900 ? 1.268 ? ? ? ? 0 1  1 ? ? 
1.040 1.080  ? ? ? ? ? 521 ? 66.200 ? ? ? ? 0.070 ? ? ? ? ? ? ? ? 2.400 ? 0.939 ? ? ? ? 0 2  1 ? ? 
1.080 1.130  ? ? ? ? ? 565 ? 74.100 ? ? ? ? 0.066 ? ? ? ? ? ? ? ? 2.600 ? 1.099 ? ? ? ? 0 3  1 ? ? 
1.130 1.190  ? ? ? ? ? 622 ? 78.900 ? ? ? ? 0.066 ? ? ? ? ? ? ? ? 2.800 ? 0.955 ? ? ? ? 0 4  1 ? ? 
1.190 1.260  ? ? ? ? ? 665 ? 84.200 ? ? ? ? 0.075 ? ? ? ? ? ? ? ? 2.700 ? 1.074 ? ? ? ? 0 5  1 ? ? 
1.260 1.360  ? ? ? ? ? 646 ? 83.100 ? ? ? ? 0.065 ? ? ? ? ? ? ? ? 2.700 ? 1.006 ? ? ? ? 0 6  1 ? ? 
1.360 1.490  ? ? ? ? ? 688 ? 87.000 ? ? ? ? 0.064 ? ? ? ? ? ? ? ? 2.900 ? 0.977 ? ? ? ? 0 7  1 ? ? 
1.490 1.710  ? ? ? ? ? 735 ? 91.800 ? ? ? ? 0.062 ? ? ? ? ? ? ? ? 3.200 ? 0.957 ? ? ? ? 0 8  1 ? ? 
1.710 2.150  ? ? ? ? ? 744 ? 95.600 ? ? ? ? 0.060 ? ? ? ? ? ? ? ? 3.400 ? 1.024 ? ? ? ? 0 9  1 ? ? 
2.150 50.000 ? ? ? ? ? 705 ? 89.900 ? ? ? ? 0.058 ? ? ? ? ? ? ? ? 3.400 ? 1.030 ? ? ? ? 0 10 1 ? ? 
# 
_refine.aniso_B[1][1]                            ? 
_refine.aniso_B[1][2]                            ? 
_refine.aniso_B[1][3]                            ? 
_refine.aniso_B[2][2]                            ? 
_refine.aniso_B[2][3]                            ? 
_refine.aniso_B[3][3]                            ? 
_refine.B_iso_max                                34.080 
_refine.B_iso_mean                               5.8555 
_refine.B_iso_min                                1.640 
_refine.correlation_coeff_Fo_to_Fc               ? 
_refine.correlation_coeff_Fo_to_Fc_free          ? 
_refine.details                                  ? 
_refine.diff_density_max                         ? 
_refine.diff_density_max_esd                     ? 
_refine.diff_density_min                         ? 
_refine.diff_density_min_esd                     ? 
_refine.diff_density_rms                         ? 
_refine.diff_density_rms_esd                     ? 
_refine.entry_id                                 4UBY 
_refine.pdbx_refine_id                           'X-RAY DIFFRACTION' 
_refine.ls_abs_structure_details                 ? 
_refine.ls_abs_structure_Flack                   ? 
_refine.ls_abs_structure_Flack_esd               ? 
_refine.ls_abs_structure_Rogers                  ? 
_refine.ls_abs_structure_Rogers_esd              ? 
_refine.ls_d_res_high                            1.0000 
_refine.ls_d_res_low                             13.8220 
_refine.ls_extinction_coef                       ? 
_refine.ls_extinction_coef_esd                   ? 
_refine.ls_extinction_expression                 ? 
_refine.ls_extinction_method                     ? 
_refine.ls_goodness_of_fit_all                   ? 
_refine.ls_goodness_of_fit_all_esd               ? 
_refine.ls_goodness_of_fit_obs                   ? 
_refine.ls_goodness_of_fit_obs_esd               ? 
_refine.ls_hydrogen_treatment                    ? 
_refine.ls_matrix_type                           ? 
_refine.ls_number_constraints                    ? 
_refine.ls_number_parameters                     ? 
_refine.ls_number_reflns_all                     ? 
_refine.ls_number_reflns_obs                     6341 
_refine.ls_number_reflns_R_free                  280 
_refine.ls_number_reflns_R_work                  6061 
_refine.ls_number_restraints                     ? 
_refine.ls_percent_reflns_obs                    80.7600 
_refine.ls_percent_reflns_R_free                 4.4200 
_refine.ls_R_factor_all                          ? 
_refine.ls_R_factor_obs                          0.1218 
_refine.ls_R_factor_R_free                       0.1577 
_refine.ls_R_factor_R_free_error                 ? 
_refine.ls_R_factor_R_free_error_details         ? 
_refine.ls_R_factor_R_work                       0.1201 
_refine.ls_R_Fsqd_factor_obs                     ? 
_refine.ls_R_I_factor_obs                        ? 
_refine.ls_redundancy_reflns_all                 ? 
_refine.ls_redundancy_reflns_obs                 ? 
_refine.ls_restrained_S_all                      ? 
_refine.ls_restrained_S_obs                      ? 
_refine.ls_shift_over_esd_max                    ? 
_refine.ls_shift_over_esd_mean                   ? 
_refine.ls_structure_factor_coef                 ? 
_refine.ls_weighting_details                     ? 
_refine.ls_weighting_scheme                      ? 
_refine.ls_wR_factor_all                         ? 
_refine.ls_wR_factor_obs                         ? 
_refine.ls_wR_factor_R_free                      ? 
_refine.ls_wR_factor_R_work                      ? 
_refine.occupancy_max                            ? 
_refine.occupancy_min                            ? 
_refine.solvent_model_details                    'FLAT BULK SOLVENT MODEL' 
_refine.solvent_model_param_bsol                 ? 
_refine.solvent_model_param_ksol                 ? 
_refine.ls_R_factor_gt                           ? 
_refine.ls_goodness_of_fit_gt                    ? 
_refine.ls_goodness_of_fit_ref                   ? 
_refine.ls_shift_over_su_max                     ? 
_refine.ls_shift_over_su_max_lt                  ? 
_refine.ls_shift_over_su_mean                    ? 
_refine.ls_shift_over_su_mean_lt                 ? 
_refine.pdbx_ls_sigma_I                          ? 
_refine.pdbx_ls_sigma_F                          2.320 
_refine.pdbx_ls_sigma_Fsqd                       ? 
_refine.pdbx_data_cutoff_high_absF               ? 
_refine.pdbx_data_cutoff_high_rms_absF           ? 
_refine.pdbx_data_cutoff_low_absF                ? 
_refine.pdbx_isotropic_thermal_model             ? 
_refine.pdbx_ls_cross_valid_method               'FREE R-VALUE' 
_refine.pdbx_method_to_determine_struct          'AB INITIO PHASING' 
_refine.pdbx_starting_model                      ? 
_refine.pdbx_stereochemistry_target_values       ML 
_refine.pdbx_R_Free_selection_details            'Random selection' 
_refine.pdbx_stereochem_target_val_spec_case     ? 
_refine.pdbx_overall_ESU_R                       ? 
_refine.pdbx_overall_ESU_R_Free                  ? 
_refine.pdbx_solvent_vdw_probe_radii             1.1100 
_refine.pdbx_solvent_ion_probe_radii             ? 
_refine.pdbx_solvent_shrinkage_radii             0.9000 
_refine.pdbx_real_space_R                        ? 
_refine.pdbx_density_correlation                 ? 
_refine.pdbx_pd_number_of_powder_patterns        ? 
_refine.pdbx_pd_number_of_points                 ? 
_refine.pdbx_pd_meas_number_of_points            ? 
_refine.pdbx_pd_proc_ls_prof_R_factor            ? 
_refine.pdbx_pd_proc_ls_prof_wR_factor           ? 
_refine.pdbx_pd_Marquardt_correlation_coeff      ? 
_refine.pdbx_pd_Fsqrd_R_factor                   ? 
_refine.pdbx_pd_ls_matrix_band_width             ? 
_refine.pdbx_overall_phase_error                 16.8600 
_refine.pdbx_overall_SU_R_free_Cruickshank_DPI   ? 
_refine.pdbx_overall_SU_R_free_Blow_DPI          ? 
_refine.pdbx_overall_SU_R_Blow_DPI               ? 
_refine.pdbx_TLS_residual_ADP_flag               ? 
_refine.pdbx_diffrn_id                           1 
_refine.overall_SU_B                             ? 
_refine.overall_SU_ML                            0.0600 
_refine.overall_SU_R_Cruickshank_DPI             ? 
_refine.overall_SU_R_free                        ? 
_refine.overall_FOM_free_R_set                   ? 
_refine.overall_FOM_work_R_set                   ? 
# 
_refine_hist.cycle_id                         final 
_refine_hist.pdbx_refine_id                   'X-RAY DIFFRACTION' 
_refine_hist.d_res_high                       1.0000 
_refine_hist.d_res_low                        13.8220 
_refine_hist.pdbx_number_atoms_ligand         0 
_refine_hist.number_atoms_solvent             22 
_refine_hist.number_atoms_total               182 
_refine_hist.pdbx_number_residues_total       24 
_refine_hist.pdbx_B_iso_mean_solvent          20.88 
_refine_hist.pdbx_number_atoms_protein        160 
_refine_hist.pdbx_number_atoms_nucleic_acid   0 
# 
loop_
_refine_ls_restr.pdbx_refine_id 
_refine_ls_restr.criterion 
_refine_ls_restr.dev_ideal 
_refine_ls_restr.dev_ideal_target 
_refine_ls_restr.number 
_refine_ls_restr.rejects 
_refine_ls_restr.type 
_refine_ls_restr.weight 
_refine_ls_restr.pdbx_restraint_function 
'X-RAY DIFFRACTION' ? 0.006 ? 174 ? f_bond_d           ? ? 
'X-RAY DIFFRACTION' ? 1.068 ? 231 ? f_angle_d          ? ? 
'X-RAY DIFFRACTION' ? 0.053 ? 20  ? f_chiral_restr     ? ? 
'X-RAY DIFFRACTION' ? 0.004 ? 33  ? f_plane_restr      ? ? 
'X-RAY DIFFRACTION' ? 9.818 ? 53  ? f_dihedral_angle_d ? ? 
# 
loop_
_refine_ls_shell.pdbx_refine_id 
_refine_ls_shell.d_res_high 
_refine_ls_shell.d_res_low 
_refine_ls_shell.number_reflns_all 
_refine_ls_shell.number_reflns_obs 
_refine_ls_shell.number_reflns_R_free 
_refine_ls_shell.number_reflns_R_work 
_refine_ls_shell.percent_reflns_obs 
_refine_ls_shell.percent_reflns_R_free 
_refine_ls_shell.R_factor_all 
_refine_ls_shell.R_factor_obs 
_refine_ls_shell.R_factor_R_free 
_refine_ls_shell.R_factor_R_free_error 
_refine_ls_shell.R_factor_R_work 
_refine_ls_shell.redundancy_reflns_all 
_refine_ls_shell.redundancy_reflns_obs 
_refine_ls_shell.wR_factor_all 
_refine_ls_shell.wR_factor_obs 
_refine_ls_shell.wR_factor_R_free 
_refine_ls_shell.wR_factor_R_work 
_refine_ls_shell.pdbx_total_number_of_bins_used 
_refine_ls_shell.pdbx_phase_error 
'X-RAY DIFFRACTION' 0.9996 1.2592  2818 . 126 2692 72.0000 . . . 0.1320 . 0.0990 . . . . . . 2 . 
'X-RAY DIFFRACTION' 1.2592 13.8229 3523 . 154 3369 90.0000 . . . 0.1708 . 0.1307 . . . . . . 2 . 
# 
_struct.entry_id                     4UBY 
_struct.title                        'Crystal structure of a polymorphic beta1 peptide' 
_struct.pdbx_model_details           ? 
_struct.pdbx_formula_weight          ? 
_struct.pdbx_formula_weight_method   ? 
_struct.pdbx_model_type_details      ? 
_struct.pdbx_CASP_flag               ? 
# 
_struct_keywords.entry_id        4UBY 
_struct_keywords.text            'prion peptide, de novo protein, membrane protein' 
_struct_keywords.pdbx_keywords   'de novo protein, membrane protein' 
# 
loop_
_struct_asym.id 
_struct_asym.pdbx_blank_PDB_chainid_flag 
_struct_asym.pdbx_modified 
_struct_asym.entity_id 
_struct_asym.details 
A N N 1 ? 
B N N 1 ? 
C N N 1 ? 
D N N 1 ? 
E N N 2 ? 
F N N 2 ? 
G N N 2 ? 
H N N 2 ? 
# 
_struct_ref.id                         1 
_struct_ref.db_name                    PDB 
_struct_ref.db_code                    4UBY 
_struct_ref.pdbx_db_accession          4UBY 
_struct_ref.pdbx_db_isoform            ? 
_struct_ref.entity_id                  1 
_struct_ref.pdbx_seq_one_letter_code   ? 
_struct_ref.pdbx_align_begin           1 
# 
loop_
_struct_ref_seq.align_id 
_struct_ref_seq.ref_id 
_struct_ref_seq.pdbx_PDB_id_code 
_struct_ref_seq.pdbx_strand_id 
_struct_ref_seq.seq_align_beg 
_struct_ref_seq.pdbx_seq_align_beg_ins_code 
_struct_ref_seq.seq_align_end 
_struct_ref_seq.pdbx_seq_align_end_ins_code 
_struct_ref_seq.pdbx_db_accession 
_struct_ref_seq.db_align_beg 
_struct_ref_seq.pdbx_db_align_beg_ins_code 
_struct_ref_seq.db_align_end 
_struct_ref_seq.pdbx_db_align_end_ins_code 
_struct_ref_seq.pdbx_auth_seq_align_beg 
_struct_ref_seq.pdbx_auth_seq_align_end 
1 1 4UBY A 1 ? 6 ? 4UBY 126 ? 131 ? 126 131 
2 1 4UBY B 1 ? 6 ? 4UBY 126 ? 131 ? 126 131 
3 1 4UBY C 1 ? 6 ? 4UBY 126 ? 131 ? 126 131 
4 1 4UBY D 1 ? 6 ? 4UBY 126 ? 131 ? 126 131 
# 
_pdbx_struct_assembly.id                   1 
_pdbx_struct_assembly.details              author_defined_assembly 
_pdbx_struct_assembly.method_details       ? 
_pdbx_struct_assembly.oligomeric_details   hexadecameric 
_pdbx_struct_assembly.oligomeric_count     16 
# 
_pdbx_struct_assembly_gen.assembly_id       1 
_pdbx_struct_assembly_gen.oper_expression   1,2,3,4 
_pdbx_struct_assembly_gen.asym_id_list      A,B,C,D,E,F,G,H 
# 
loop_
_pdbx_struct_oper_list.id 
_pdbx_struct_oper_list.type 
_pdbx_struct_oper_list.name 
_pdbx_struct_oper_list.symmetry_operation 
_pdbx_struct_oper_list.matrix[1][1] 
_pdbx_struct_oper_list.matrix[1][2] 
_pdbx_struct_oper_list.matrix[1][3] 
_pdbx_struct_oper_list.vector[1] 
_pdbx_struct_oper_list.matrix[2][1] 
_pdbx_struct_oper_list.matrix[2][2] 
_pdbx_struct_oper_list.matrix[2][3] 
_pdbx_struct_oper_list.vector[2] 
_pdbx_struct_oper_list.matrix[3][1] 
_pdbx_struct_oper_list.matrix[3][2] 
_pdbx_struct_oper_list.matrix[3][3] 
_pdbx_struct_oper_list.vector[3] 
1 'identity operation'         1_555 x,y,z     1.0000000000 0.0000000000 0.0000000000 0.0000000000   0.0000000000 1.0000000000 0.0000000000 0.0000000000   0.0000000000 0.0000000000 1.0000000000 0.0000000000   
2 'crystal symmetry operation' 1_655 x+1,y,z   1.0000000000 0.0000000000 0.0000000000 -7.0424282017  0.0000000000 1.0000000000 0.0000000000 1.8841310254   0.0000000000 0.0000000000 1.0000000000 -9.1076787000  
3 'crystal symmetry operation' 1_565 x,y+1,z   1.0000000000 0.0000000000 0.0000000000 -3.2110136109  0.0000000000 1.0000000000 0.0000000000 -16.8165168559 0.0000000000 0.0000000000 1.0000000000 -0.9193353173  
4 'crystal symmetry operation' 1_665 x+1,y+1,z 1.0000000000 0.0000000000 0.0000000000 -10.2534418125 0.0000000000 1.0000000000 0.0000000000 -14.9323858305 0.0000000000 0.0000000000 1.0000000000 -10.0270140174 
# 
_struct_biol.details                      
;biological unit displays only a portion of the crystal lattice to demonstrate the crystal packing content. The crystal packing is formed by a repetition in both directions of the portion indicated in remark 350.
;
_struct_biol.id                           1 
_struct_biol.pdbx_parent_biol_id          ? 
_struct_biol.pdbx_formula_weight          ? 
_struct_biol.pdbx_formula_weight_method   ? 
_struct_biol.pdbx_aggregation_state       ? 
_struct_biol.pdbx_assembly_method         ? 
# 
loop_
_struct_sheet.id 
_struct_sheet.type 
_struct_sheet.number_strands 
_struct_sheet.details 
AA1 ? 2 ? 
AA2 ? 2 ? 
# 
loop_
_struct_sheet_order.sheet_id 
_struct_sheet_order.range_id_1 
_struct_sheet_order.range_id_2 
_struct_sheet_order.offset 
_struct_sheet_order.sense 
AA1 1 2 ? anti-parallel 
AA2 1 2 ? anti-parallel 
# 
loop_
_struct_sheet_range.sheet_id 
_struct_sheet_range.id 
_struct_sheet_range.beg_label_comp_id 
_struct_sheet_range.beg_label_asym_id 
_struct_sheet_range.beg_label_seq_id 
_struct_sheet_range.pdbx_beg_PDB_ins_code 
_struct_sheet_range.end_label_comp_id 
_struct_sheet_range.end_label_asym_id 
_struct_sheet_range.end_label_seq_id 
_struct_sheet_range.pdbx_end_PDB_ins_code 
_struct_sheet_range.beg_auth_comp_id 
_struct_sheet_range.beg_auth_asym_id 
_struct_sheet_range.beg_auth_seq_id 
_struct_sheet_range.end_auth_comp_id 
_struct_sheet_range.end_auth_asym_id 
_struct_sheet_range.end_auth_seq_id 
AA1 1 VAL A 4 ? LEU A 5 ? VAL A 129 LEU A 130 
AA1 2 VAL B 4 ? LEU B 5 ? VAL B 129 LEU B 130 
AA2 1 GLY C 2 ? LEU C 5 ? GLY C 127 LEU C 130 
AA2 2 GLY D 2 ? LEU D 5 ? GLY D 127 LEU D 130 
# 
loop_
_pdbx_struct_sheet_hbond.sheet_id 
_pdbx_struct_sheet_hbond.range_id_1 
_pdbx_struct_sheet_hbond.range_id_2 
_pdbx_struct_sheet_hbond.range_1_label_atom_id 
_pdbx_struct_sheet_hbond.range_1_label_comp_id 
_pdbx_struct_sheet_hbond.range_1_label_asym_id 
_pdbx_struct_sheet_hbond.range_1_label_seq_id 
_pdbx_struct_sheet_hbond.range_1_PDB_ins_code 
_pdbx_struct_sheet_hbond.range_1_auth_atom_id 
_pdbx_struct_sheet_hbond.range_1_auth_comp_id 
_pdbx_struct_sheet_hbond.range_1_auth_asym_id 
_pdbx_struct_sheet_hbond.range_1_auth_seq_id 
_pdbx_struct_sheet_hbond.range_2_label_atom_id 
_pdbx_struct_sheet_hbond.range_2_label_comp_id 
_pdbx_struct_sheet_hbond.range_2_label_asym_id 
_pdbx_struct_sheet_hbond.range_2_label_seq_id 
_pdbx_struct_sheet_hbond.range_2_PDB_ins_code 
_pdbx_struct_sheet_hbond.range_2_auth_atom_id 
_pdbx_struct_sheet_hbond.range_2_auth_comp_id 
_pdbx_struct_sheet_hbond.range_2_auth_asym_id 
_pdbx_struct_sheet_hbond.range_2_auth_seq_id 
AA1 1 2 N VAL A 4 ? N VAL A 129 O LEU B 5 ? O LEU B 130 
AA2 1 2 N LEU C 5 ? N LEU C 130 O GLY D 2 ? O GLY D 127 
# 
loop_
_chem_comp_atom.comp_id 
_chem_comp_atom.atom_id 
_chem_comp_atom.type_symbol 
_chem_comp_atom.pdbx_aromatic_flag 
_chem_comp_atom.pdbx_stereo_config 
_chem_comp_atom.pdbx_ordinal 
GLY N    N N N 1  
GLY CA   C N N 2  
GLY C    C N N 3  
GLY O    O N N 4  
GLY OXT  O N N 5  
GLY H    H N N 6  
GLY H2   H N N 7  
GLY HA2  H N N 8  
GLY HA3  H N N 9  
GLY HXT  H N N 10 
HOH O    O N N 11 
HOH H1   H N N 12 
HOH H2   H N N 13 
LEU N    N N N 14 
LEU CA   C N S 15 
LEU C    C N N 16 
LEU O    O N N 17 
LEU CB   C N N 18 
LEU CG   C N N 19 
LEU CD1  C N N 20 
LEU CD2  C N N 21 
LEU OXT  O N N 22 
LEU H    H N N 23 
LEU H2   H N N 24 
LEU HA   H N N 25 
LEU HB2  H N N 26 
LEU HB3  H N N 27 
LEU HG   H N N 28 
LEU HD11 H N N 29 
LEU HD12 H N N 30 
LEU HD13 H N N 31 
LEU HD21 H N N 32 
LEU HD22 H N N 33 
LEU HD23 H N N 34 
LEU HXT  H N N 35 
TYR N    N N N 36 
TYR CA   C N S 37 
TYR C    C N N 38 
TYR O    O N N 39 
TYR CB   C N N 40 
TYR CG   C Y N 41 
TYR CD1  C Y N 42 
TYR CD2  C Y N 43 
TYR CE1  C Y N 44 
TYR CE2  C Y N 45 
TYR CZ   C Y N 46 
TYR OH   O N N 47 
TYR OXT  O N N 48 
TYR H    H N N 49 
TYR H2   H N N 50 
TYR HA   H N N 51 
TYR HB2  H N N 52 
TYR HB3  H N N 53 
TYR HD1  H N N 54 
TYR HD2  H N N 55 
TYR HE1  H N N 56 
TYR HE2  H N N 57 
TYR HH   H N N 58 
TYR HXT  H N N 59 
VAL N    N N N 60 
VAL CA   C N S 61 
VAL C    C N N 62 
VAL O    O N N 63 
VAL CB   C N N 64 
VAL CG1  C N N 65 
VAL CG2  C N N 66 
VAL OXT  O N N 67 
VAL H    H N N 68 
VAL H2   H N N 69 
VAL HA   H N N 70 
VAL HB   H N N 71 
VAL HG11 H N N 72 
VAL HG12 H N N 73 
VAL HG13 H N N 74 
VAL HG21 H N N 75 
VAL HG22 H N N 76 
VAL HG23 H N N 77 
VAL HXT  H N N 78 
# 
loop_
_chem_comp_bond.comp_id 
_chem_comp_bond.atom_id_1 
_chem_comp_bond.atom_id_2 
_chem_comp_bond.value_order 
_chem_comp_bond.pdbx_aromatic_flag 
_chem_comp_bond.pdbx_stereo_config 
_chem_comp_bond.pdbx_ordinal 
GLY N   CA   sing N N 1  
GLY N   H    sing N N 2  
GLY N   H2   sing N N 3  
GLY CA  C    sing N N 4  
GLY CA  HA2  sing N N 5  
GLY CA  HA3  sing N N 6  
GLY C   O    doub N N 7  
GLY C   OXT  sing N N 8  
GLY OXT HXT  sing N N 9  
HOH O   H1   sing N N 10 
HOH O   H2   sing N N 11 
LEU N   CA   sing N N 12 
LEU N   H    sing N N 13 
LEU N   H2   sing N N 14 
LEU CA  C    sing N N 15 
LEU CA  CB   sing N N 16 
LEU CA  HA   sing N N 17 
LEU C   O    doub N N 18 
LEU C   OXT  sing N N 19 
LEU CB  CG   sing N N 20 
LEU CB  HB2  sing N N 21 
LEU CB  HB3  sing N N 22 
LEU CG  CD1  sing N N 23 
LEU CG  CD2  sing N N 24 
LEU CG  HG   sing N N 25 
LEU CD1 HD11 sing N N 26 
LEU CD1 HD12 sing N N 27 
LEU CD1 HD13 sing N N 28 
LEU CD2 HD21 sing N N 29 
LEU CD2 HD22 sing N N 30 
LEU CD2 HD23 sing N N 31 
LEU OXT HXT  sing N N 32 
TYR N   CA   sing N N 33 
TYR N   H    sing N N 34 
TYR N   H2   sing N N 35 
TYR CA  C    sing N N 36 
TYR CA  CB   sing N N 37 
TYR CA  HA   sing N N 38 
TYR C   O    doub N N 39 
TYR C   OXT  sing N N 40 
TYR CB  CG   sing N N 41 
TYR CB  HB2  sing N N 42 
TYR CB  HB3  sing N N 43 
TYR CG  CD1  doub Y N 44 
TYR CG  CD2  sing Y N 45 
TYR CD1 CE1  sing Y N 46 
TYR CD1 HD1  sing N N 47 
TYR CD2 CE2  doub Y N 48 
TYR CD2 HD2  sing N N 49 
TYR CE1 CZ   doub Y N 50 
TYR CE1 HE1  sing N N 51 
TYR CE2 CZ   sing Y N 52 
TYR CE2 HE2  sing N N 53 
TYR CZ  OH   sing N N 54 
TYR OH  HH   sing N N 55 
TYR OXT HXT  sing N N 56 
VAL N   CA   sing N N 57 
VAL N   H    sing N N 58 
VAL N   H2   sing N N 59 
VAL CA  C    sing N N 60 
VAL CA  CB   sing N N 61 
VAL CA  HA   sing N N 62 
VAL C   O    doub N N 63 
VAL C   OXT  sing N N 64 
VAL CB  CG1  sing N N 65 
VAL CB  CG2  sing N N 66 
VAL CB  HB   sing N N 67 
VAL CG1 HG11 sing N N 68 
VAL CG1 HG12 sing N N 69 
VAL CG1 HG13 sing N N 70 
VAL CG2 HG21 sing N N 71 
VAL CG2 HG22 sing N N 72 
VAL CG2 HG23 sing N N 73 
VAL OXT HXT  sing N N 74 
# 
_atom_sites.entry_id                    4UBY 
_atom_sites.fract_transf_matrix[1][1]   -0.04764509 
_atom_sites.fract_transf_matrix[1][2]   0.01293479 
_atom_sites.fract_transf_matrix[1][3]   -0.07028025 
_atom_sites.fract_transf_matrix[2][1]   -0.00285799 
_atom_sites.fract_transf_matrix[2][2]   -0.05837979 
_atom_sites.fract_transf_matrix[2][3]   -0.00986728 
_atom_sites.fract_transf_matrix[3][1]   -0.04134111 
_atom_sites.fract_transf_matrix[3][2]   0.00607753 
_atom_sites.fract_transf_matrix[3][3]   0.03322390 
_atom_sites.fract_transf_vector[1]      -0.646380 
_atom_sites.fract_transf_vector[2]      0.185590 
_atom_sites.fract_transf_vector[3]      0.989245 
# 
loop_
_atom_type.symbol 
C 
N 
O 
# 
loop_
_atom_site.group_PDB 
_atom_site.id 
_atom_site.type_symbol 
_atom_site.label_atom_id 
_atom_site.label_alt_id 
_atom_site.label_comp_id 
_atom_site.label_asym_id 
_atom_site.label_entity_id 
_atom_site.label_seq_id 
_atom_site.pdbx_PDB_ins_code 
_atom_site.Cartn_x 
_atom_site.Cartn_y 
_atom_site.Cartn_z 
_atom_site.occupancy 
_atom_site.B_iso_or_equiv 
_atom_site.pdbx_formal_charge 
_atom_site.auth_seq_id 
_atom_site.auth_comp_id 
_atom_site.auth_asym_id 
_atom_site.auth_atom_id 
_atom_site.pdbx_PDB_model_num 
ATOM   1   N N   A GLY A 1 1 ? 0.032   -0.115  13.126  0.35 4.31  ? 126 GLY A N   1 
ATOM   2   N N   B GLY A 1 1 ? -0.366  -1.792  11.462  0.65 5.53  ? 126 GLY A N   1 
ATOM   3   C CA  A GLY A 1 1 ? -0.406  0.332   11.816  0.35 4.98  ? 126 GLY A CA  1 
ATOM   4   C CA  B GLY A 1 1 ? -0.570  -0.409  11.065  0.65 5.64  ? 126 GLY A CA  1 
ATOM   5   C C   A GLY A 1 1 ? 0.779   0.774   10.990  0.35 5.09  ? 126 GLY A C   1 
ATOM   6   C C   B GLY A 1 1 ? 0.696   0.269   10.580  0.65 5.56  ? 126 GLY A C   1 
ATOM   7   O O   A GLY A 1 1 ? 1.922   0.578   11.394  0.35 4.90  ? 126 GLY A O   1 
ATOM   8   O O   B GLY A 1 1 ? 1.804   -0.151  10.916  0.65 5.14  ? 126 GLY A O   1 
ATOM   9   N N   . GLY A 1 2 ? 0.525   1.350   9.822   1.00 5.49  ? 127 GLY A N   1 
ATOM   10  C CA  . GLY A 1 2 ? 1.613   1.938   9.081   1.00 3.70  ? 127 GLY A CA  1 
ATOM   11  C C   . GLY A 1 2 ? 1.125   2.746   7.905   1.00 2.68  ? 127 GLY A C   1 
ATOM   12  O O   . GLY A 1 2 ? -0.018  3.209   7.874   1.00 3.03  ? 127 GLY A O   1 
ATOM   13  N N   . TYR A 1 3 ? 2.012   2.926   6.936   1.00 2.06  ? 128 TYR A N   1 
ATOM   14  C CA  . TYR A 1 3 ? 1.700   3.682   5.736   1.00 2.31  ? 128 TYR A CA  1 
ATOM   15  C C   . TYR A 1 3 ? 2.684   3.281   4.653   1.00 1.94  ? 128 TYR A C   1 
ATOM   16  O O   . TYR A 1 3 ? 3.840   3.004   4.952   1.00 2.24  ? 128 TYR A O   1 
ATOM   17  C CB  . TYR A 1 3 ? 1.778   5.197   5.979   1.00 2.82  ? 128 TYR A CB  1 
ATOM   18  C CG  . TYR A 1 3 ? 0.846   5.978   5.080   1.00 2.97  ? 128 TYR A CG  1 
ATOM   19  C CD1 . TYR A 1 3 ? 1.226   6.359   3.789   1.00 2.94  ? 128 TYR A CD1 1 
ATOM   20  C CD2 . TYR A 1 3 ? -0.434  6.293   5.503   1.00 3.66  ? 128 TYR A CD2 1 
ATOM   21  C CE1 . TYR A 1 3 ? 0.354   7.050   2.965   1.00 3.02  ? 128 TYR A CE1 1 
ATOM   22  C CE2 . TYR A 1 3 ? -1.304  6.994   4.693   1.00 4.36  ? 128 TYR A CE2 1 
ATOM   23  C CZ  . TYR A 1 3 ? -0.910  7.370   3.420   1.00 4.21  ? 128 TYR A CZ  1 
ATOM   24  O OH  . TYR A 1 3 ? -1.779  8.054   2.587   1.00 5.14  ? 128 TYR A OH  1 
ATOM   25  N N   . VAL A 1 4 ? 2.216   3.239   3.409   1.00 1.79  ? 129 VAL A N   1 
ATOM   26  C CA  . VAL A 1 4 ? 3.054   2.907   2.267   1.00 1.64  ? 129 VAL A CA  1 
ATOM   27  C C   . VAL A 1 4 ? 2.894   3.953   1.179   1.00 1.72  ? 129 VAL A C   1 
ATOM   28  O O   . VAL A 1 4 ? 1.774   4.363   0.875   1.00 2.08  ? 129 VAL A O   1 
ATOM   29  C CB  . VAL A 1 4 ? 2.691   1.526   1.672   1.00 2.12  ? 129 VAL A CB  1 
ATOM   30  C CG1 . VAL A 1 4 ? 3.549   1.227   0.449   1.00 2.62  ? 129 VAL A CG1 1 
ATOM   31  C CG2 . VAL A 1 4 ? 2.849   0.440   2.715   1.00 2.56  ? 129 VAL A CG2 1 
ATOM   32  N N   . LEU A 1 5 ? 4.015   4.364   0.591   1.00 1.86  ? 130 LEU A N   1 
ATOM   33  C CA  . LEU A 1 5 ? 4.049   5.102   -0.667  1.00 2.06  ? 130 LEU A CA  1 
ATOM   34  C C   . LEU A 1 5 ? 4.755   4.228   -1.694  1.00 2.22  ? 130 LEU A C   1 
ATOM   35  O O   . LEU A 1 5 ? 5.891   3.808   -1.467  1.00 2.59  ? 130 LEU A O   1 
ATOM   36  C CB  . LEU A 1 5 ? 4.802   6.423   -0.502  1.00 2.24  ? 130 LEU A CB  1 
ATOM   37  C CG  . LEU A 1 5 ? 5.078   7.197   -1.792  1.00 3.08  ? 130 LEU A CG  1 
ATOM   38  C CD1 . LEU A 1 5 ? 3.783   7.699   -2.407  1.00 3.36  ? 130 LEU A CD1 1 
ATOM   39  C CD2 . LEU A 1 5 ? 6.026   8.347   -1.522  1.00 3.79  ? 130 LEU A CD2 1 
ATOM   40  N N   A GLY A 1 6 ? 4.093   3.965   -2.816  0.69 2.50  ? 131 GLY A N   1 
ATOM   41  N N   B GLY A 1 6 ? 4.092   3.913   -2.800  0.31 2.45  ? 131 GLY A N   1 
ATOM   42  C CA  A GLY A 1 6 ? 4.707   3.235   -3.908  0.69 3.59  ? 131 GLY A CA  1 
ATOM   43  C CA  B GLY A 1 6 ? 4.688   3.044   -3.798  0.31 3.15  ? 131 GLY A CA  1 
ATOM   44  C C   A GLY A 1 6 ? 4.563   3.919   -5.260  0.69 3.96  ? 131 GLY A C   1 
ATOM   45  C C   B GLY A 1 6 ? 6.007   3.578   -4.325  0.31 3.45  ? 131 GLY A C   1 
ATOM   46  O O   A GLY A 1 6 ? 5.181   3.446   -6.221  0.69 4.75  ? 131 GLY A O   1 
ATOM   47  O O   B GLY A 1 6 ? 6.959   2.831   -4.568  0.31 3.70  ? 131 GLY A O   1 
ATOM   48  O OXT A GLY A 1 6 ? 3.850   4.928   -5.421  0.69 3.85  ? 131 GLY A OXT 1 
ATOM   49  O OXT B GLY A 1 6 ? 6.147   4.786   -4.510  0.31 3.34  ? 131 GLY A OXT 1 
ATOM   50  N N   . GLY B 1 1 ? 2.570   7.825   -12.094 1.00 6.33  ? 126 GLY B N   1 
ATOM   51  C CA  . GLY B 1 1 ? 1.608   7.046   -11.332 1.00 5.35  ? 126 GLY B CA  1 
ATOM   52  C C   . GLY B 1 1 ? 2.186   6.641   -9.996  1.00 4.95  ? 126 GLY B C   1 
ATOM   53  O O   . GLY B 1 1 ? 3.385   6.785   -9.750  1.00 5.95  ? 126 GLY B O   1 
ATOM   54  N N   . GLY B 1 2 ? 1.332   6.121   -9.128  1.00 4.36  ? 127 GLY B N   1 
ATOM   55  C CA  . GLY B 1 2 ? 1.778   5.692   -7.829  1.00 4.19  ? 127 GLY B CA  1 
ATOM   56  C C   . GLY B 1 2 ? 0.606   5.289   -6.978  1.00 3.26  ? 127 GLY B C   1 
ATOM   57  O O   . GLY B 1 2 ? -0.534  5.293   -7.431  1.00 3.33  ? 127 GLY B O   1 
ATOM   58  N N   . TYR B 1 3 ? 0.890   4.941   -5.733  1.00 2.62  ? 128 TYR B N   1 
ATOM   59  C CA  . TYR B 1 3 ? -0.161  4.585   -4.805  1.00 2.65  ? 128 TYR B CA  1 
ATOM   60  C C   . TYR B 1 3 ? 0.253   4.877   -3.378  1.00 2.37  ? 128 TYR B C   1 
ATOM   61  O O   . TYR B 1 3 ? 1.448   4.974   -3.054  1.00 2.60  ? 128 TYR B O   1 
ATOM   62  C CB  . TYR B 1 3 ? -0.556  3.104   -4.947  1.00 3.27  ? 128 TYR B CB  1 
ATOM   63  C CG  . TYR B 1 3 ? 0.565   2.103   -4.733  1.00 3.32  ? 128 TYR B CG  1 
ATOM   64  C CD1 . TYR B 1 3 ? 0.896   1.630   -3.468  1.00 3.95  ? 128 TYR B CD1 1 
ATOM   65  C CD2 . TYR B 1 3 ? 1.262   1.590   -5.825  1.00 4.34  ? 128 TYR B CD2 1 
ATOM   66  C CE1 . TYR B 1 3 ? 1.925   0.696   -3.310  1.00 4.75  ? 128 TYR B CE1 1 
ATOM   67  C CE2 . TYR B 1 3 ? 2.272   0.653   -5.672  1.00 4.83  ? 128 TYR B CE2 1 
ATOM   68  C CZ  . TYR B 1 3 ? 2.598   0.216   -4.419  1.00 5.38  ? 128 TYR B CZ  1 
ATOM   69  O OH  . TYR B 1 3 ? 3.604   -0.716  -4.260  1.00 6.66  ? 128 TYR B OH  1 
ATOM   70  N N   . VAL B 1 4 ? -0.755  5.035   -2.531  1.00 2.15  ? 129 VAL B N   1 
ATOM   71  C CA  . VAL B 1 4 ? -0.580  5.039   -1.087  1.00 2.30  ? 129 VAL B CA  1 
ATOM   72  C C   . VAL B 1 4 ? -1.484  3.969   -0.473  1.00 1.82  ? 129 VAL B C   1 
ATOM   73  O O   . VAL B 1 4 ? -2.536  3.636   -1.016  1.00 2.48  ? 129 VAL B O   1 
ATOM   74  C CB  . VAL B 1 4 ? -0.882  6.412   -0.453  1.00 3.03  ? 129 VAL B CB  1 
ATOM   75  C CG1 . VAL B 1 4 ? 0.203   7.420   -0.828  1.00 2.94  ? 129 VAL B CG1 1 
ATOM   76  C CG2 . VAL B 1 4 ? -2.264  6.918   -0.853  1.00 3.43  ? 129 VAL B CG2 1 
ATOM   77  N N   . LEU B 1 5 ? -1.035  3.431   0.661   1.00 1.85  ? 130 LEU B N   1 
ATOM   78  C CA  . LEU B 1 5 ? -1.814  2.521   1.491   1.00 2.15  ? 130 LEU B CA  1 
ATOM   79  C C   . LEU B 1 5 ? -1.726  3.012   2.916   1.00 2.79  ? 130 LEU B C   1 
ATOM   80  O O   . LEU B 1 5 ? -0.652  3.396   3.369   1.00 2.32  ? 130 LEU B O   1 
ATOM   81  C CB  . LEU B 1 5 ? -1.286  1.088   1.422   1.00 2.75  ? 130 LEU B CB  1 
ATOM   82  C CG  . LEU B 1 5 ? -1.299  0.406   0.058   1.00 4.36  ? 130 LEU B CG  1 
ATOM   83  C CD1 . LEU B 1 5 ? -0.535  -0.919  0.126   1.00 4.77  ? 130 LEU B CD1 1 
ATOM   84  C CD2 . LEU B 1 5 ? -2.739  0.174   -0.393  1.00 5.22  ? 130 LEU B CD2 1 
ATOM   85  N N   A GLY B 1 6 ? -2.850  2.941   3.623   0.48 4.22  ? 131 GLY B N   1 
ATOM   86  N N   B GLY B 1 6 ? -2.843  3.003   3.637   0.52 3.74  ? 131 GLY B N   1 
ATOM   87  C CA  A GLY B 1 6 ? -2.891  3.289   5.026   0.48 5.71  ? 131 GLY B CA  1 
ATOM   88  C CA  B GLY B 1 6 ? -2.858  3.555   4.980   0.52 4.63  ? 131 GLY B CA  1 
ATOM   89  C C   A GLY B 1 6 ? -3.982  4.280   5.367   0.48 7.03  ? 131 GLY B C   1 
ATOM   90  C C   B GLY B 1 6 ? -3.752  2.805   5.939   0.52 4.66  ? 131 GLY B C   1 
ATOM   91  O O   A GLY B 1 6 ? -4.542  4.973   4.513   0.48 7.56  ? 131 GLY B O   1 
ATOM   92  O O   B GLY B 1 6 ? -3.783  3.092   7.141   0.52 5.11  ? 131 GLY B O   1 
ATOM   93  O OXT A GLY B 1 6 ? -4.329  4.405   6.539   0.48 7.82  ? 131 GLY B OXT 1 
ATOM   94  O OXT B GLY B 1 6 ? -4.465  1.898   5.514   0.52 5.02  ? 131 GLY B OXT 1 
ATOM   95  N N   . GLY C 1 1 ? 2.028   -8.101  -9.872  1.00 7.79  ? 126 GLY C N   1 
ATOM   96  C CA  . GLY C 1 1 ? 2.699   -7.321  -8.855  1.00 6.94  ? 126 GLY C CA  1 
ATOM   97  C C   . GLY C 1 1 ? 1.694   -6.888  -7.813  1.00 5.92  ? 126 GLY C C   1 
ATOM   98  O O   . GLY C 1 1 ? 0.487   -7.056  -7.990  1.00 5.03  ? 126 GLY C O   1 
ATOM   99  N N   . GLY C 1 2 ? 2.189   -6.321  -6.724  1.00 5.64  ? 127 GLY C N   1 
ATOM   100 C CA  . GLY C 1 2 ? 1.298   -5.833  -5.702  1.00 4.48  ? 127 GLY C CA  1 
ATOM   101 C C   . GLY C 1 2 ? 2.046   -5.431  -4.456  1.00 3.35  ? 127 GLY C C   1 
ATOM   102 O O   . GLY C 1 2 ? 3.269   -5.498  -4.389  1.00 3.99  ? 127 GLY C O   1 
ATOM   103 N N   . TYR C 1 3 ? 1.286   -5.021  -3.455  1.00 2.26  ? 128 TYR C N   1 
ATOM   104 C CA  . TYR C 1 3 ? 1.845   -4.578  -2.185  1.00 2.22  ? 128 TYR C CA  1 
ATOM   105 C C   . TYR C 1 3 ? 0.761   -4.668  -1.121  1.00 2.12  ? 128 TYR C C   1 
ATOM   106 O O   . TYR C 1 3 ? -0.411  -4.449  -1.415  1.00 2.49  ? 128 TYR C O   1 
ATOM   107 C CB  . TYR C 1 3 ? 2.378   -3.142  -2.282  1.00 2.81  ? 128 TYR C CB  1 
ATOM   108 C CG  . TYR C 1 3 ? 3.603   -2.906  -1.430  1.00 3.13  ? 128 TYR C CG  1 
ATOM   109 C CD1 . TYR C 1 3 ? 3.489   -2.545  -0.092  1.00 4.09  ? 128 TYR C CD1 1 
ATOM   110 C CD2 . TYR C 1 3 ? 4.871   -3.080  -1.957  1.00 4.38  ? 128 TYR C CD2 1 
ATOM   111 C CE1 . TYR C 1 3 ? 4.604   -2.360  0.693   1.00 5.12  ? 128 TYR C CE1 1 
ATOM   112 C CE2 . TYR C 1 3 ? 5.996   -2.900  -1.180  1.00 5.77  ? 128 TYR C CE2 1 
ATOM   113 C CZ  . TYR C 1 3 ? 5.854   -2.537  0.145   1.00 6.18  ? 128 TYR C CZ  1 
ATOM   114 O OH  . TYR C 1 3 ? 6.968   -2.353  0.933   1.00 7.48  ? 128 TYR C OH  1 
ATOM   115 N N   . VAL C 1 4 ? 1.162   -4.991  0.105   1.00 1.84  ? 129 VAL C N   1 
ATOM   116 C CA  . VAL C 1 4 ? 0.229   -5.136  1.222   1.00 1.90  ? 129 VAL C CA  1 
ATOM   117 C C   . VAL C 1 4 ? 0.737   -4.365  2.430   1.00 2.02  ? 129 VAL C C   1 
ATOM   118 O O   . VAL C 1 4 ? 1.933   -4.396  2.722   1.00 2.30  ? 129 VAL C O   1 
ATOM   119 C CB  . VAL C 1 4 ? 0.055   -6.616  1.635   1.00 2.35  ? 129 VAL C CB  1 
ATOM   120 C CG1 . VAL C 1 4 ? -0.917  -6.753  2.795   1.00 3.16  ? 129 VAL C CG1 1 
ATOM   121 C CG2 . VAL C 1 4 ? -0.408  -7.460  0.456   1.00 2.67  ? 129 VAL C CG2 1 
ATOM   122 N N   . LEU C 1 5 ? -0.187  -3.700  3.122   1.00 2.15  ? 130 LEU C N   1 
ATOM   123 C CA  . LEU C 1 5 ? 0.050   -3.124  4.441   1.00 2.25  ? 130 LEU C CA  1 
ATOM   124 C C   . LEU C 1 5 ? -0.940  -3.757  5.414   1.00 2.46  ? 130 LEU C C   1 
ATOM   125 O O   . LEU C 1 5 ? -2.146  -3.750  5.152   1.00 3.23  ? 130 LEU C O   1 
ATOM   126 C CB  . LEU C 1 5 ? -0.137  -1.603  4.420   1.00 2.26  ? 130 LEU C CB  1 
ATOM   127 C CG  . LEU C 1 5 ? -0.153  -0.893  5.773   1.00 2.84  ? 130 LEU C CG  1 
ATOM   128 C CD1 . LEU C 1 5 ? 1.212   -0.959  6.437   1.00 3.29  ? 130 LEU C CD1 1 
ATOM   129 C CD2 . LEU C 1 5 ? -0.610  0.550   5.594   1.00 3.59  ? 130 LEU C CD2 1 
ATOM   130 N N   . GLY C 1 6 ? -0.444  -4.295  6.528   1.00 3.41  ? 131 GLY C N   1 
ATOM   131 C CA  . GLY C 1 6 ? -1.306  -4.863  7.553   1.00 4.81  ? 131 GLY C CA  1 
ATOM   132 C C   . GLY C 1 6 ? -0.969  -4.421  8.965   1.00 6.52  ? 131 GLY C C   1 
ATOM   133 O O   . GLY C 1 6 ? 0.030   -3.720  9.210   1.00 6.78  ? 131 GLY C O   1 
ATOM   134 O OXT . GLY C 1 6 ? -1.706  -4.779  9.891   1.00 8.00  ? 131 GLY C OXT 1 
ATOM   135 N N   . GLY D 1 1 ? -4.905  -0.550  7.009   1.00 8.62  ? 126 GLY D N   1 
ATOM   136 C CA  . GLY D 1 1 ? -4.250  -1.496  6.125   1.00 7.24  ? 126 GLY D CA  1 
ATOM   137 C C   . GLY D 1 1 ? -4.853  -1.426  4.739   1.00 6.52  ? 126 GLY D C   1 
ATOM   138 O O   . GLY D 1 1 ? -5.855  -0.749  4.524   1.00 7.74  ? 126 GLY D O   1 
ATOM   139 N N   . GLY D 1 2 ? -4.244  -2.131  3.797   1.00 5.30  ? 127 GLY D N   1 
ATOM   140 C CA  . GLY D 1 2 ? -4.723  -2.108  2.434   1.00 4.52  ? 127 GLY D CA  1 
ATOM   141 C C   . GLY D 1 2 ? -3.807  -2.899  1.531   1.00 3.34  ? 127 GLY D C   1 
ATOM   142 O O   . GLY D 1 2 ? -2.764  -3.399  1.961   1.00 3.32  ? 127 GLY D O   1 
ATOM   143 N N   . TYR D 1 3 ? -4.204  -3.029  0.270   1.00 2.54  ? 128 TYR D N   1 
ATOM   144 C CA  . TYR D 1 3 ? -3.345  -3.681  -0.702  1.00 2.27  ? 128 TYR D CA  1 
ATOM   145 C C   . TYR D 1 3 ? -3.599  -3.114  -2.092  1.00 1.96  ? 128 TYR D C   1 
ATOM   146 O O   . TYR D 1 3 ? -4.645  -2.514  -2.363  1.00 2.30  ? 128 TYR D O   1 
ATOM   147 C CB  . TYR D 1 3 ? -3.545  -5.220  -0.695  1.00 2.46  ? 128 TYR D CB  1 
ATOM   148 C CG  . TYR D 1 3 ? -4.902  -5.659  -1.178  1.00 3.17  ? 128 TYR D CG  1 
ATOM   149 C CD1 . TYR D 1 3 ? -5.141  -5.867  -2.530  1.00 4.47  ? 128 TYR D CD1 1 
ATOM   150 C CD2 . TYR D 1 3 ? -5.940  -5.871  -0.289  1.00 4.56  ? 128 TYR D CD2 1 
ATOM   151 C CE1 . TYR D 1 3 ? -6.384  -6.260  -2.989  1.00 6.00  ? 128 TYR D CE1 1 
ATOM   152 C CE2 . TYR D 1 3 ? -7.193  -6.267  -0.739  1.00 6.06  ? 128 TYR D CE2 1 
ATOM   153 C CZ  . TYR D 1 3 ? -7.402  -6.458  -2.095  1.00 7.01  ? 128 TYR D CZ  1 
ATOM   154 O OH  . TYR D 1 3 ? -8.638  -6.843  -2.565  1.00 9.15  ? 128 TYR D OH  1 
ATOM   155 N N   . VAL D 1 4 ? -2.611  -3.295  -2.959  1.00 1.68  ? 129 VAL D N   1 
ATOM   156 C CA  . VAL D 1 4 ? -2.781  -3.099  -4.394  1.00 1.76  ? 129 VAL D CA  1 
ATOM   157 C C   . VAL D 1 4 ? -2.331  -4.349  -5.132  1.00 1.66  ? 129 VAL D C   1 
ATOM   158 O O   . VAL D 1 4 ? -1.480  -5.099  -4.652  1.00 2.28  ? 129 VAL D O   1 
ATOM   159 C CB  . VAL D 1 4 ? -1.993  -1.879  -4.935  1.00 2.61  ? 129 VAL D CB  1 
ATOM   160 C CG1 . VAL D 1 4 ? -2.633  -0.576  -4.459  1.00 3.21  ? 129 VAL D CG1 1 
ATOM   161 C CG2 . VAL D 1 4 ? -0.510  -1.961  -4.538  1.00 2.78  ? 129 VAL D CG2 1 
ATOM   162 N N   . LEU D 1 5 ? -2.927  -4.563  -6.297  1.00 1.66  ? 130 LEU D N   1 
ATOM   163 C CA  . LEU D 1 5 ? -2.482  -5.561  -7.260  1.00 2.20  ? 130 LEU D CA  1 
ATOM   164 C C   . LEU D 1 5 ? -2.362  -4.903  -8.618  1.00 2.29  ? 130 LEU D C   1 
ATOM   165 O O   . LEU D 1 5 ? -3.209  -4.093  -8.997  1.00 2.30  ? 130 LEU D O   1 
ATOM   166 C CB  . LEU D 1 5 ? -3.462  -6.733  -7.359  1.00 2.18  ? 130 LEU D CB  1 
ATOM   167 C CG  . LEU D 1 5 ? -3.661  -7.559  -6.093  1.00 3.31  ? 130 LEU D CG  1 
ATOM   168 C CD1 . LEU D 1 5 ? -4.821  -8.527  -6.267  1.00 3.95  ? 130 LEU D CD1 1 
ATOM   169 C CD2 . LEU D 1 5 ? -2.406  -8.338  -5.736  1.00 3.60  ? 130 LEU D CD2 1 
ATOM   170 N N   . GLY D 1 6 ? -1.341  -5.288  -9.376  1.00 3.22  ? 131 GLY D N   1 
ATOM   171 C CA  . GLY D 1 6 ? -1.152  -4.755  -10.716 1.00 4.52  ? 131 GLY D CA  1 
ATOM   172 C C   . GLY D 1 6 ? -0.633  -5.774  -11.700 1.00 5.67  ? 131 GLY D C   1 
ATOM   173 O O   . GLY D 1 6 ? -0.335  -6.895  -11.295 1.00 6.05  ? 131 GLY D O   1 
ATOM   174 O OXT . GLY D 1 6 ? -0.508  -5.486  -12.898 1.00 7.00  ? 131 GLY D OXT 1 
HETATM 175 O O   . HOH E 2 . ? -4.067  8.691   3.825   1.00 25.74 ? 201 HOH A O   1 
HETATM 176 O O   . HOH E 2 . ? -2.782  -1.977  12.941  1.00 13.91 ? 202 HOH A O   1 
HETATM 177 O O   . HOH F 2 . ? -4.034  6.108   2.166   1.00 24.63 ? 201 HOH B O   1 
HETATM 178 O O   . HOH F 2 . ? 6.232   -0.200  -4.093  1.00 20.16 ? 202 HOH B O   1 
HETATM 179 O O   . HOH F 2 . ? -2.356  5.095   8.308   1.00 17.26 ? 203 HOH B O   1 
HETATM 180 O O   . HOH F 2 . ? -2.404  1.417   9.008   1.00 19.37 ? 204 HOH B O   1 
HETATM 181 O O   . HOH F 2 . ? 0.907   8.437   -14.366 1.00 25.03 ? 205 HOH B O   1 
HETATM 182 O O   . HOH F 2 . ? 3.747   -2.437  -6.579  1.00 12.71 ? 206 HOH B O   1 
HETATM 183 O O   . HOH F 2 . ? 0.091   3.273   -10.919 1.00 20.70 ? 207 HOH B O   1 
HETATM 184 O O   . HOH F 2 . ? 1.883   2.329   -9.484  1.00 29.15 ? 208 HOH B O   1 
HETATM 185 O O   . HOH F 2 . ? -3.625  1.791   10.888  1.00 26.78 ? 209 HOH B O   1 
HETATM 186 O O   . HOH F 2 . ? 4.793   -0.714  -8.466  1.00 20.21 ? 210 HOH B O   1 
HETATM 187 O O   . HOH G 2 . ? 5.545   -4.475  -5.326  1.00 24.30 ? 201 HOH C O   1 
HETATM 188 O O   . HOH G 2 . ? -4.100  -5.634  5.291   1.00 20.27 ? 202 HOH C O   1 
HETATM 189 O O   . HOH G 2 . ? -3.654  -6.937  9.662   1.00 14.32 ? 203 HOH C O   1 
HETATM 190 O O   . HOH G 2 . ? 2.182   -10.174 -7.648  1.00 34.08 ? 204 HOH C O   1 
HETATM 191 O O   . HOH G 2 . ? 4.807   -7.719  -6.035  1.00 16.39 ? 205 HOH C O   1 
HETATM 192 O O   . HOH G 2 . ? 1.351   -2.988  -7.673  1.00 12.71 ? 206 HOH C O   1 
HETATM 193 O O   . HOH H 2 . ? -10.470 -7.464  -1.078  1.00 16.12 ? 201 HOH D O   1 
HETATM 194 O O   . HOH H 2 . ? 1.250   -6.576  -14.261 1.00 19.01 ? 202 HOH D O   1 
HETATM 195 O O   . HOH H 2 . ? -7.618  -3.573  3.106   1.00 24.37 ? 203 HOH D O   1 
HETATM 196 O O   . HOH H 2 . ? -8.355  -3.442  5.747   1.00 22.22 ? 204 HOH D O   1 
# 
loop_
_atom_site_anisotrop.id 
_atom_site_anisotrop.type_symbol 
_atom_site_anisotrop.pdbx_label_atom_id 
_atom_site_anisotrop.pdbx_label_alt_id 
_atom_site_anisotrop.pdbx_label_comp_id 
_atom_site_anisotrop.pdbx_label_asym_id 
_atom_site_anisotrop.pdbx_label_seq_id 
_atom_site_anisotrop.pdbx_PDB_ins_code 
_atom_site_anisotrop.U[1][1] 
_atom_site_anisotrop.U[2][2] 
_atom_site_anisotrop.U[3][3] 
_atom_site_anisotrop.U[1][2] 
_atom_site_anisotrop.U[1][3] 
_atom_site_anisotrop.U[2][3] 
_atom_site_anisotrop.pdbx_auth_seq_id 
_atom_site_anisotrop.pdbx_auth_comp_id 
_atom_site_anisotrop.pdbx_auth_asym_id 
_atom_site_anisotrop.pdbx_auth_atom_id 
1   N N   A GLY A 1 ? 0.0305 0.0701 0.0633 0.0119  0.0106  0.0389  126 GLY A N   
2   N N   B GLY A 1 ? 0.0513 0.0550 0.1039 0.0165  0.0327  0.0367  126 GLY A N   
3   C CA  A GLY A 1 ? 0.0409 0.0792 0.0692 0.0062  0.0133  0.0408  126 GLY A CA  
4   C CA  B GLY A 1 ? 0.0493 0.0668 0.0982 0.0104  0.0282  0.0367  126 GLY A CA  
5   C C   A GLY A 1 ? 0.0394 0.0831 0.0708 0.0034  0.0123  0.0406  126 GLY A C   
6   C C   B GLY A 1 ? 0.0449 0.0774 0.0889 0.0046  0.0193  0.0415  126 GLY A C   
7   O O   A GLY A 1 ? 0.0378 0.0843 0.0639 0.0105  0.0089  0.0419  126 GLY A O   
8   O O   B GLY A 1 ? 0.0432 0.0745 0.0776 0.0071  0.0111  0.0419  126 GLY A O   
9   N N   . GLY A 2 ? 0.0419 0.0833 0.0832 -0.0005 0.0163  0.0381  127 GLY A N   
10  C CA  . GLY A 2 ? 0.0390 0.0586 0.0432 -0.0007 0.0148  0.0221  127 GLY A CA  
11  C C   . GLY A 2 ? 0.0353 0.0369 0.0297 0.0052  0.0042  0.0043  127 GLY A C   
12  O O   . GLY A 2 ? 0.0394 0.0491 0.0266 0.0057  0.0085  0.0023  127 GLY A O   
13  N N   . TYR A 3 ? 0.0374 0.0180 0.0231 0.0050  0.0024  0.0029  128 TYR A N   
14  C CA  . TYR A 3 ? 0.0424 0.0187 0.0269 -0.0036 0.0027  0.0015  128 TYR A CA  
15  C C   . TYR A 3 ? 0.0297 0.0257 0.0183 -0.0065 -0.0021 -0.0025 128 TYR A C   
16  O O   . TYR A 3 ? 0.0234 0.0371 0.0248 -0.0032 -0.0070 0.0047  128 TYR A O   
17  C CB  . TYR A 3 ? 0.0549 0.0213 0.0311 -0.0051 0.0026  -0.0011 128 TYR A CB  
18  C CG  . TYR A 3 ? 0.0550 0.0243 0.0336 -0.0043 -0.0011 -0.0016 128 TYR A CG  
19  C CD1 . TYR A 3 ? 0.0567 0.0197 0.0354 -0.0106 -0.0075 0.0005  128 TYR A CD1 
20  C CD2 . TYR A 3 ? 0.0678 0.0410 0.0302 0.0153  0.0049  0.0057  128 TYR A CD2 
21  C CE1 . TYR A 3 ? 0.0521 0.0222 0.0404 -0.0019 -0.0158 0.0015  128 TYR A CE1 
22  C CE2 . TYR A 3 ? 0.0721 0.0454 0.0482 0.0218  0.0039  0.0071  128 TYR A CE2 
23  C CZ  . TYR A 3 ? 0.0686 0.0382 0.0530 0.0164  -0.0076 0.0063  128 TYR A CZ  
24  O OH  . TYR A 3 ? 0.0724 0.0563 0.0667 0.0223  -0.0156 0.0127  128 TYR A OH  
25  N N   . VAL A 4 ? 0.0265 0.0239 0.0175 0.0000  0.0019  -0.0025 129 VAL A N   
26  C CA  . VAL A 4 ? 0.0243 0.0192 0.0186 -0.0014 0.0015  0.0022  129 VAL A CA  
27  C C   . VAL A 4 ? 0.0207 0.0247 0.0199 -0.0079 -0.0025 -0.0033 129 VAL A C   
28  O O   . VAL A 4 ? 0.0224 0.0341 0.0225 -0.0023 -0.0034 0.0025  129 VAL A O   
29  C CB  . VAL A 4 ? 0.0416 0.0202 0.0189 0.0017  0.0005  0.0035  129 VAL A CB  
30  C CG1 . VAL A 4 ? 0.0515 0.0172 0.0308 -0.0011 0.0075  0.0036  129 VAL A CG1 
31  C CG2 . VAL A 4 ? 0.0461 0.0267 0.0244 -0.0059 -0.0039 0.0026  129 VAL A CG2 
32  N N   . LEU A 5 ? 0.0297 0.0180 0.0231 -0.0049 0.0029  0.0028  130 LEU A N   
33  C CA  . LEU A 5 ? 0.0301 0.0223 0.0259 -0.0025 0.0028  -0.0014 130 LEU A CA  
34  C C   . LEU A 5 ? 0.0327 0.0236 0.0282 -0.0045 0.0023  -0.0065 130 LEU A C   
35  O O   . LEU A 5 ? 0.0313 0.0346 0.0325 -0.0011 0.0000  -0.0069 130 LEU A O   
36  C CB  . LEU A 5 ? 0.0409 0.0196 0.0246 -0.0147 0.0015  -0.0003 130 LEU A CB  
37  C CG  . LEU A 5 ? 0.0394 0.0282 0.0494 -0.0121 -0.0034 0.0029  130 LEU A CG  
38  C CD1 . LEU A 5 ? 0.0494 0.0365 0.0416 -0.0048 -0.0043 0.0057  130 LEU A CD1 
39  C CD2 . LEU A 5 ? 0.0452 0.0324 0.0665 -0.0168 0.0008  0.0025  130 LEU A CD2 
40  N N   A GLY A 6 ? 0.0411 0.0301 0.0236 -0.0023 0.0025  -0.0122 131 GLY A N   
41  N N   B GLY A 6 ? 0.0364 0.0262 0.0304 -0.0061 0.0089  -0.0019 131 GLY A N   
42  C CA  A GLY A 6 ? 0.0486 0.0459 0.0418 0.0005  0.0004  -0.0131 131 GLY A CA  
43  C CA  B GLY A 6 ? 0.0420 0.0351 0.0425 -0.0083 0.0159  0.0031  131 GLY A CA  
44  C C   A GLY A 6 ? 0.0433 0.0632 0.0440 0.0070  -0.0005 -0.0044 131 GLY A C   
45  C C   B GLY A 6 ? 0.0382 0.0410 0.0519 -0.0074 0.0196  0.0078  131 GLY A C   
46  O O   A GLY A 6 ? 0.0621 0.0743 0.0440 0.0122  0.0113  0.0061  131 GLY A O   
47  O O   B GLY A 6 ? 0.0459 0.0430 0.0517 -0.0083 0.0222  0.0126  131 GLY A O   
48  O OXT A GLY A 6 ? 0.0312 0.0739 0.0411 0.0117  -0.0102 -0.0049 131 GLY A OXT 
49  O OXT B GLY A 6 ? 0.0296 0.0465 0.0509 -0.0106 0.0167  0.0076  131 GLY A OXT 
50  N N   . GLY B 1 ? 0.0751 0.1107 0.0549 -0.0416 0.0211  -0.0055 126 GLY B N   
51  C CA  . GLY B 1 ? 0.0617 0.1031 0.0388 -0.0335 0.0136  -0.0067 126 GLY B CA  
52  C C   . GLY B 1 ? 0.0438 0.1056 0.0389 -0.0252 0.0110  -0.0140 126 GLY B C   
53  O O   . GLY B 1 ? 0.0438 0.1225 0.0598 -0.0241 0.0135  -0.0122 126 GLY B O   
54  N N   . GLY B 2 ? 0.0353 0.0932 0.0372 -0.0153 0.0110  -0.0112 127 GLY B N   
55  C CA  . GLY B 2 ? 0.0305 0.0903 0.0384 -0.0057 0.0107  -0.0014 127 GLY B CA  
56  C C   . GLY B 2 ? 0.0262 0.0702 0.0277 0.0022  0.0000  -0.0026 127 GLY B C   
57  O O   . GLY B 2 ? 0.0207 0.0749 0.0312 0.0029  -0.0033 0.0090  127 GLY B O   
58  N N   . TYR B 3 ? 0.0260 0.0506 0.0229 0.0007  -0.0044 0.0011  128 TYR B N   
59  C CA  . TYR B 3 ? 0.0353 0.0349 0.0307 -0.0026 -0.0069 -0.0040 128 TYR B CA  
60  C C   . TYR B 3 ? 0.0322 0.0229 0.0350 0.0000  -0.0096 -0.0058 128 TYR B C   
61  O O   . TYR B 3 ? 0.0319 0.0282 0.0386 -0.0012 -0.0082 -0.0012 128 TYR B O   
62  C CB  . TYR B 3 ? 0.0453 0.0344 0.0446 -0.0066 -0.0100 -0.0029 128 TYR B CB  
63  C CG  . TYR B 3 ? 0.0459 0.0270 0.0532 -0.0076 -0.0069 0.0069  128 TYR B CG  
64  C CD1 . TYR B 3 ? 0.0598 0.0303 0.0602 -0.0193 -0.0160 0.0039  128 TYR B CD1 
65  C CD2 . TYR B 3 ? 0.0624 0.0338 0.0686 -0.0022 0.0063  0.0116  128 TYR B CD2 
66  C CE1 . TYR B 3 ? 0.0689 0.0347 0.0767 -0.0212 -0.0119 0.0054  128 TYR B CE1 
67  C CE2 . TYR B 3 ? 0.0705 0.0341 0.0791 -0.0028 0.0132  0.0225  128 TYR B CE2 
68  C CZ  . TYR B 3 ? 0.0657 0.0446 0.0941 -0.0106 0.0009  0.0171  128 TYR B CZ  
69  O OH  . TYR B 3 ? 0.0662 0.0582 0.1286 0.0047  0.0104  0.0426  128 TYR B OH  
70  N N   . VAL B 4 ? 0.0251 0.0297 0.0271 -0.0067 -0.0129 0.0040  129 VAL B N   
71  C CA  . VAL B 4 ? 0.0310 0.0227 0.0336 -0.0067 -0.0086 0.0065  129 VAL B CA  
72  C C   . VAL B 4 ? 0.0288 0.0152 0.0250 -0.0088 -0.0075 -0.0017 129 VAL B C   
73  O O   . VAL B 4 ? 0.0322 0.0244 0.0377 -0.0053 -0.0109 0.0059  129 VAL B O   
74  C CB  . VAL B 4 ? 0.0503 0.0252 0.0395 -0.0065 -0.0099 0.0005  129 VAL B CB  
75  C CG1 . VAL B 4 ? 0.0535 0.0224 0.0356 -0.0138 -0.0097 -0.0001 129 VAL B CG1 
76  C CG2 . VAL B 4 ? 0.0574 0.0272 0.0459 0.0028  -0.0089 -0.0042 129 VAL B CG2 
77  N N   . LEU B 5 ? 0.0241 0.0202 0.0261 -0.0091 -0.0085 0.0080  130 LEU B N   
78  C CA  . LEU B 5 ? 0.0335 0.0242 0.0242 -0.0065 -0.0036 0.0092  130 LEU B CA  
79  C C   . LEU B 5 ? 0.0376 0.0344 0.0340 0.0103  0.0066  0.0082  130 LEU B C   
80  O O   . LEU B 5 ? 0.0327 0.0317 0.0237 0.0138  -0.0035 0.0011  130 LEU B O   
81  C CB  . LEU B 5 ? 0.0435 0.0262 0.0346 -0.0117 -0.0099 0.0070  130 LEU B CB  
82  C CG  . LEU B 5 ? 0.0857 0.0334 0.0468 -0.0124 -0.0085 -0.0001 130 LEU B CG  
83  C CD1 . LEU B 5 ? 0.1050 0.0275 0.0487 0.0017  0.0063  -0.0011 130 LEU B CD1 
84  C CD2 . LEU B 5 ? 0.0884 0.0447 0.0651 -0.0213 -0.0279 -0.0057 130 LEU B CD2 
85  N N   A GLY B 6 ? 0.0618 0.0489 0.0498 0.0172  0.0216  0.0165  131 GLY B N   
86  N N   B GLY B 6 ? 0.0509 0.0485 0.0430 0.0118  0.0161  0.0151  131 GLY B N   
87  C CA  A GLY B 6 ? 0.0862 0.0673 0.0634 0.0223  0.0309  0.0173  131 GLY B CA  
88  C CA  B GLY B 6 ? 0.0641 0.0653 0.0466 0.0109  0.0192  0.0134  131 GLY B CA  
89  C C   A GLY B 6 ? 0.1111 0.0891 0.0669 0.0167  0.0333  0.0079  131 GLY B C   
90  C C   B GLY B 6 ? 0.0630 0.0754 0.0385 0.0059  0.0115  0.0053  131 GLY B C   
91  O O   A GLY B 6 ? 0.1136 0.0922 0.0815 0.0148  0.0320  0.0045  131 GLY B O   
92  O O   B GLY B 6 ? 0.0718 0.0767 0.0458 0.0172  0.0147  0.0051  131 GLY B O   
93  O OXT A GLY B 6 ? 0.1269 0.1031 0.0671 0.0149  0.0368  0.0037  131 GLY B OXT 
94  O OXT B GLY B 6 ? 0.0578 0.0876 0.0454 -0.0092 0.0082  0.0067  131 GLY B OXT 
95  N N   . GLY C 1 ? 0.0695 0.1469 0.0798 -0.0039 0.0112  -0.0464 126 GLY C N   
96  C CA  . GLY C 1 ? 0.0649 0.1380 0.0611 0.0022  0.0067  -0.0422 126 GLY C CA  
97  C C   . GLY C 1 ? 0.0588 0.1176 0.0486 0.0093  0.0047  -0.0331 126 GLY C C   
98  O O   . GLY C 1 ? 0.0373 0.1121 0.0419 0.0181  -0.0054 -0.0237 126 GLY C O   
99  N N   . GLY C 2 ? 0.0536 0.1100 0.0505 0.0082  0.0016  -0.0366 127 GLY C N   
100 C CA  . GLY C 2 ? 0.0518 0.0793 0.0393 0.0124  0.0032  -0.0263 127 GLY C CA  
101 C C   . GLY C 2 ? 0.0402 0.0593 0.0279 0.0067  0.0030  -0.0110 127 GLY C C   
102 O O   . GLY C 2 ? 0.0383 0.0733 0.0399 0.0008  0.0090  -0.0069 127 GLY C O   
103 N N   . TYR C 3 ? 0.0359 0.0291 0.0208 0.0021  -0.0051 -0.0005 128 TYR C N   
104 C CA  . TYR C 3 ? 0.0346 0.0233 0.0265 -0.0024 -0.0081 -0.0003 128 TYR C CA  
105 C C   . TYR C 3 ? 0.0268 0.0206 0.0331 0.0116  -0.0050 0.0063  128 TYR C C   
106 O O   . TYR C 3 ? 0.0312 0.0312 0.0322 0.0133  -0.0066 0.0029  128 TYR C O   
107 C CB  . TYR C 3 ? 0.0445 0.0255 0.0369 -0.0095 -0.0118 0.0093  128 TYR C CB  
108 C CG  . TYR C 3 ? 0.0544 0.0274 0.0371 -0.0126 -0.0165 0.0074  128 TYR C CG  
109 C CD1 . TYR C 3 ? 0.0838 0.0258 0.0458 -0.0105 -0.0162 -0.0021 128 TYR C CD1 
110 C CD2 . TYR C 3 ? 0.0568 0.0478 0.0617 -0.0209 -0.0188 0.0093  128 TYR C CD2 
111 C CE1 . TYR C 3 ? 0.0946 0.0338 0.0661 -0.0155 -0.0258 -0.0018 128 TYR C CE1 
112 C CE2 . TYR C 3 ? 0.0668 0.0619 0.0907 -0.0185 -0.0273 0.0037  128 TYR C CE2 
113 C CZ  . TYR C 3 ? 0.0849 0.0545 0.0954 -0.0176 -0.0400 0.0010  128 TYR C CZ  
114 O OH  . TYR C 3 ? 0.0905 0.0750 0.1187 -0.0256 -0.0493 -0.0018 128 TYR C OH  
115 N N   . VAL C 4 ? 0.0277 0.0192 0.0232 0.0073  -0.0062 0.0080  129 VAL C N   
116 C CA  . VAL C 4 ? 0.0330 0.0150 0.0244 0.0073  -0.0066 -0.0023 129 VAL C CA  
117 C C   . VAL C 4 ? 0.0299 0.0155 0.0312 0.0036  -0.0028 -0.0069 129 VAL C C   
118 O O   . VAL C 4 ? 0.0331 0.0276 0.0269 0.0005  0.0005  -0.0114 129 VAL C O   
119 C CB  . VAL C 4 ? 0.0442 0.0143 0.0309 -0.0034 -0.0005 -0.0038 129 VAL C CB  
120 C CG1 . VAL C 4 ? 0.0670 0.0249 0.0284 -0.0162 0.0108  -0.0053 129 VAL C CG1 
121 C CG2 . VAL C 4 ? 0.0406 0.0170 0.0439 -0.0074 -0.0053 -0.0084 129 VAL C CG2 
122 N N   . LEU C 5 ? 0.0365 0.0194 0.0257 0.0065  0.0045  -0.0004 130 LEU C N   
123 C CA  . LEU C 5 ? 0.0392 0.0224 0.0240 0.0033  -0.0007 -0.0032 130 LEU C CA  
124 C C   . LEU C 5 ? 0.0435 0.0308 0.0192 -0.0015 -0.0029 0.0012  130 LEU C C   
125 O O   . LEU C 5 ? 0.0265 0.0537 0.0423 -0.0089 -0.0049 0.0146  130 LEU C O   
126 C CB  . LEU C 5 ? 0.0460 0.0163 0.0236 0.0013  0.0011  -0.0020 130 LEU C CB  
127 C CG  . LEU C 5 ? 0.0563 0.0224 0.0293 0.0082  -0.0003 -0.0096 130 LEU C CG  
128 C CD1 . LEU C 5 ? 0.0561 0.0368 0.0322 0.0021  -0.0041 -0.0126 130 LEU C CD1 
129 C CD2 . LEU C 5 ? 0.0679 0.0336 0.0348 0.0055  -0.0004 -0.0073 130 LEU C CD2 
130 N N   . GLY C 6 ? 0.0595 0.0413 0.0289 0.0036  0.0036  0.0112  131 GLY C N   
131 C CA  . GLY C 6 ? 0.0672 0.0674 0.0481 0.0034  0.0085  0.0196  131 GLY C CA  
132 C C   . GLY C 6 ? 0.0789 0.1088 0.0601 0.0028  0.0203  0.0181  131 GLY C C   
133 O O   . GLY C 6 ? 0.0701 0.1256 0.0618 0.0107  0.0122  0.0099  131 GLY C O   
134 O OXT . GLY C 6 ? 0.1020 0.1349 0.0669 -0.0070 0.0369  0.0096  131 GLY C OXT 
135 N N   . GLY D 1 ? 0.1275 0.1502 0.0498 0.0287  0.0082  -0.0158 126 GLY D N   
136 C CA  . GLY D 1 ? 0.1126 0.1193 0.0430 0.0371  0.0081  -0.0113 126 GLY D CA  
137 C C   . GLY D 1 ? 0.1011 0.1052 0.0414 0.0439  0.0069  -0.0074 126 GLY D C   
138 O O   . GLY D 1 ? 0.1246 0.1166 0.0527 0.0566  0.0141  -0.0036 126 GLY D O   
139 N N   . GLY D 2 ? 0.0805 0.0887 0.0324 0.0339  0.0028  -0.0077 127 GLY D N   
140 C CA  . GLY D 2 ? 0.0634 0.0713 0.0368 0.0293  0.0032  -0.0036 127 GLY D CA  
141 C C   . GLY D 2 ? 0.0503 0.0515 0.0250 0.0207  0.0032  -0.0030 127 GLY D C   
142 O O   . GLY D 2 ? 0.0458 0.0581 0.0222 0.0212  0.0013  -0.0078 127 GLY D O   
143 N N   . TYR D 3 ? 0.0400 0.0357 0.0208 0.0112  0.0005  -0.0010 128 TYR D N   
144 C CA  . TYR D 3 ? 0.0377 0.0263 0.0222 0.0088  0.0006  0.0015  128 TYR D CA  
145 C C   . TYR D 3 ? 0.0380 0.0159 0.0204 0.0052  -0.0040 0.0002  128 TYR D C   
146 O O   . TYR D 3 ? 0.0330 0.0232 0.0313 0.0066  -0.0079 0.0035  128 TYR D O   
147 C CB  . TYR D 3 ? 0.0396 0.0214 0.0325 0.0059  -0.0019 0.0061  128 TYR D CB  
148 C CG  . TYR D 3 ? 0.0446 0.0173 0.0583 0.0061  -0.0034 -0.0003 128 TYR D CG  
149 C CD1 . TYR D 3 ? 0.0655 0.0325 0.0720 -0.0013 -0.0076 -0.0119 128 TYR D CD1 
150 C CD2 . TYR D 3 ? 0.0503 0.0264 0.0964 0.0060  0.0083  -0.0036 128 TYR D CD2 
151 C CE1 . TYR D 3 ? 0.0732 0.0405 0.1143 0.0002  -0.0123 -0.0248 128 TYR D CE1 
152 C CE2 . TYR D 3 ? 0.0571 0.0382 0.1351 0.0051  0.0035  -0.0155 128 TYR D CE2 
153 C CZ  . TYR D 3 ? 0.0664 0.0525 0.1474 0.0017  -0.0116 -0.0360 128 TYR D CZ  
154 O OH  . TYR D 3 ? 0.0830 0.0751 0.1894 -0.0013 -0.0148 -0.0529 128 TYR D OH  
155 N N   . VAL D 4 ? 0.0291 0.0140 0.0208 0.0058  -0.0051 0.0056  129 VAL D N   
156 C CA  . VAL D 4 ? 0.0314 0.0088 0.0268 0.0020  -0.0045 -0.0009 129 VAL D CA  
157 C C   . VAL D 4 ? 0.0310 0.0092 0.0230 -0.0014 -0.0076 -0.0008 129 VAL D C   
158 O O   . VAL D 4 ? 0.0406 0.0187 0.0272 0.0005  -0.0083 -0.0047 129 VAL D O   
159 C CB  . VAL D 4 ? 0.0432 0.0127 0.0431 0.0022  0.0004  0.0041  129 VAL D CB  
160 C CG1 . VAL D 4 ? 0.0472 0.0158 0.0591 0.0048  0.0033  0.0011  129 VAL D CG1 
161 C CG2 . VAL D 4 ? 0.0352 0.0203 0.0503 -0.0063 -0.0038 0.0051  129 VAL D CG2 
162 N N   . LEU D 5 ? 0.0338 0.0122 0.0172 0.0045  -0.0017 -0.0008 130 LEU D N   
163 C CA  . LEU D 5 ? 0.0357 0.0263 0.0217 -0.0031 0.0010  0.0011  130 LEU D CA  
164 C C   . LEU D 5 ? 0.0349 0.0293 0.0228 -0.0051 0.0003  -0.0035 130 LEU D C   
165 O O   . LEU D 5 ? 0.0479 0.0206 0.0189 0.0051  0.0003  0.0044  130 LEU D O   
166 C CB  . LEU D 5 ? 0.0430 0.0209 0.0190 -0.0043 -0.0074 0.0078  130 LEU D CB  
167 C CG  . LEU D 5 ? 0.0534 0.0315 0.0409 -0.0163 -0.0104 0.0041  130 LEU D CG  
168 C CD1 . LEU D 5 ? 0.0562 0.0411 0.0529 -0.0265 0.0027  0.0082  130 LEU D CD1 
169 C CD2 . LEU D 5 ? 0.0585 0.0319 0.0464 -0.0139 -0.0202 0.0103  130 LEU D CD2 
170 N N   . GLY D 6 ? 0.0452 0.0482 0.0290 -0.0021 0.0076  -0.0012 131 GLY D N   
171 C CA  . GLY D 6 ? 0.0632 0.0661 0.0426 -0.0016 0.0112  -0.0021 131 GLY D CA  
172 C C   . GLY D 6 ? 0.0801 0.0818 0.0536 0.0008  0.0204  -0.0009 131 GLY D C   
173 O O   . GLY D 6 ? 0.0746 0.0840 0.0713 0.0011  0.0142  -0.0108 131 GLY D O   
174 O OXT . GLY D 6 ? 0.1002 0.1029 0.0630 0.0012  0.0273  0.0053  131 GLY D OXT 
175 O O   . HOH E . ? 0.2647 0.4618 0.2515 0.1743  0.0949  0.1627  201 HOH A O   
176 O O   . HOH E . ? 0.1558 0.0920 0.2806 -0.0171 0.1116  -0.0290 202 HOH A O   
177 O O   . HOH F . ? 0.2849 0.2661 0.3848 -0.1350 -0.0688 -0.0714 201 HOH B O   
178 O O   . HOH F . ? 0.1552 0.1681 0.4426 -0.0224 -0.0689 0.1161  202 HOH B O   
179 O O   . HOH F . ? 0.1687 0.3306 0.1564 -0.0602 0.0632  -0.0775 203 HOH B O   
180 O O   . HOH F . ? 0.1281 0.2689 0.3389 -0.0230 -0.0300 0.1774  204 HOH B O   
181 O O   . HOH F . ? 0.2971 0.4924 0.1617 -0.2148 -0.0046 0.0109  205 HOH B O   
182 O O   . HOH F . ? 0.1108 0.0980 0.2740 0.0241  -0.0227 -0.0480 206 HOH B O   
183 O O   . HOH F . ? 0.1740 0.2106 0.4018 0.0348  -0.0215 -0.1479 207 HOH B O   
184 O O   . HOH F . ? 0.5237 0.3712 0.2125 0.1928  -0.0655 -0.0901 208 HOH B O   
185 O O   . HOH F . ? 0.3719 0.4545 0.1910 0.1730  -0.0235 -0.0758 209 HOH B O   
186 O O   . HOH F . ? 0.2062 0.2835 0.2781 0.0080  0.1201  -0.0791 210 HOH B O   
187 O O   . HOH G . ? 0.3692 0.2740 0.2801 -0.1610 0.1645  -0.1228 201 HOH C O   
188 O O   . HOH G . ? 0.1531 0.3538 0.2633 -0.0917 -0.0364 0.1197  202 HOH C O   
189 O O   . HOH G . ? 0.1515 0.2209 0.1716 0.0419  0.0748  -0.0458 203 HOH C O   
190 O O   . HOH G . ? 0.2258 0.3707 0.6985 -0.0307 0.0635  0.1730  204 HOH C O   
191 O O   . HOH G . ? 0.1113 0.3209 0.1904 0.0549  -0.0338 -0.0903 205 HOH C O   
192 O O   . HOH G . ? 0.1675 0.1198 0.1958 0.0378  0.0232  0.0285  206 HOH C O   
193 O O   . HOH H . ? 0.0975 0.2374 0.2776 -0.0088 -0.0024 -0.0438 201 HOH D O   
194 O O   . HOH H . ? 0.1458 0.3478 0.2286 -0.0186 0.0847  0.0310  202 HOH D O   
195 O O   . HOH H . ? 0.2362 0.4891 0.2008 -0.1110 0.0402  0.0646  203 HOH D O   
196 O O   . HOH H . ? 0.1981 0.3775 0.2689 0.1244  0.0593  0.1400  204 HOH D O   
# 
